data_3OJF
#
_entry.id   3OJF
#
_cell.length_a   72.740
_cell.length_b   89.257
_cell.length_c   185.803
_cell.angle_alpha   90.00
_cell.angle_beta   90.00
_cell.angle_gamma   90.00
#
_symmetry.space_group_name_H-M   'P 21 21 21'
#
loop_
_entity.id
_entity.type
_entity.pdbx_description
1 polymer 'Enoyl-[acyl-carrier-protein] reductase (FabL) (NADPH)'
2 non-polymer (2E)-N-[(1,2-dimethyl-1H-indol-3-yl)methyl]-N-methyl-3-(7-oxo-5,6,7,8-tetrahydro-1,8-naphthyridin-3-yl)prop-2-enamide
3 non-polymer 'NADPH DIHYDRO-NICOTINAMIDE-ADENINE-DINUCLEOTIDE PHOSPHATE'
4 water water
#
_entity_poly.entity_id   1
_entity_poly.type   'polypeptide(L)'
_entity_poly.pdbx_seq_one_letter_code
;MELLQGKTFVVMGVANQRSIAWGIARSLHNAGAKLIFTYAGERLERNVRELADTLEGQESLVLPCDVTNDEELTACFETI
KQEVGTIHGVAHCIAFANRDDLKGEFVDTSRDGFLLAQNISAFSLTAVAREAKKVMTEGGNILTLTYLGGERVVKNYNVM
GVAKASLEASVKYLANDLGQHGIRVNAISAGPIRTLSAKGVGDFNSILREIEERAPLRRTTTQEEVGDTAVFLFSDLARG
VTGENIHVDSGYHILGL
;
_entity_poly.pdbx_strand_id   A,D,B,C
#
loop_
_chem_comp.id
_chem_comp.type
_chem_comp.name
_chem_comp.formula
IMJ non-polymer (2E)-N-[(1,2-dimethyl-1H-indol-3-yl)methyl]-N-methyl-3-(7-oxo-5,6,7,8-tetrahydro-1,8-naphthyridin-3-yl)prop-2-enamide 'C23 H24 N4 O2'
NDP non-polymer 'NADPH DIHYDRO-NICOTINAMIDE-ADENINE-DINUCLEOTIDE PHOSPHATE' 'C21 H30 N7 O17 P3'
#
# COMPACT_ATOMS: atom_id res chain seq x y z
N MET A 1 -39.29 2.42 1.74
CA MET A 1 -38.21 1.37 1.85
C MET A 1 -37.04 1.83 2.75
N GLU A 2 -36.87 3.16 2.74
CA GLU A 2 -36.02 4.00 3.60
C GLU A 2 -34.55 3.65 3.83
N LEU A 3 -33.78 4.72 3.99
CA LEU A 3 -32.28 4.74 3.99
C LEU A 3 -31.71 5.52 2.79
N LEU A 4 -32.16 5.17 1.58
CA LEU A 4 -31.99 6.13 0.49
C LEU A 4 -33.36 6.72 0.08
N GLN A 5 -34.27 6.83 1.06
CA GLN A 5 -35.64 7.32 0.79
C GLN A 5 -35.56 8.74 0.26
N GLY A 6 -36.15 8.96 -0.93
CA GLY A 6 -36.26 10.30 -1.51
C GLY A 6 -35.05 10.72 -2.31
N LYS A 7 -34.16 9.76 -2.59
CA LYS A 7 -32.97 10.12 -3.37
C LYS A 7 -33.00 9.49 -4.76
N THR A 8 -32.29 10.10 -5.70
CA THR A 8 -32.19 9.55 -7.02
C THR A 8 -30.75 9.31 -7.45
N PHE A 9 -30.52 8.10 -7.96
CA PHE A 9 -29.18 7.71 -8.48
C PHE A 9 -29.12 7.34 -9.94
N VAL A 10 -28.07 7.76 -10.63
CA VAL A 10 -27.80 7.21 -11.94
C VAL A 10 -27.01 5.94 -11.85
N VAL A 11 -27.54 4.86 -12.45
CA VAL A 11 -26.76 3.60 -12.56
C VAL A 11 -26.26 3.38 -14.00
N MET A 12 -24.94 3.38 -14.20
CA MET A 12 -24.35 3.20 -15.53
C MET A 12 -23.66 1.90 -15.63
N GLY A 13 -24.03 1.15 -16.66
CA GLY A 13 -23.34 -0.10 -16.98
C GLY A 13 -24.14 -1.39 -16.80
N VAL A 14 -25.46 -1.30 -16.57
CA VAL A 14 -26.31 -2.50 -16.62
C VAL A 14 -26.30 -3.02 -18.08
N ALA A 15 -25.94 -4.28 -18.29
CA ALA A 15 -26.08 -4.94 -19.59
C ALA A 15 -26.97 -6.22 -19.53
N ASN A 16 -27.10 -6.87 -18.37
CA ASN A 16 -28.07 -7.96 -18.27
C ASN A 16 -28.24 -8.24 -16.79
N GLN A 17 -28.95 -9.31 -16.44
CA GLN A 17 -29.28 -9.44 -15.03
C GLN A 17 -28.12 -9.87 -14.15
N ARG A 18 -27.02 -10.27 -14.78
CA ARG A 18 -25.85 -10.70 -14.04
C ARG A 18 -24.88 -9.48 -13.83
N SER A 19 -25.21 -8.34 -14.46
CA SER A 19 -24.33 -7.16 -14.34
C SER A 19 -24.19 -6.80 -12.84
N ILE A 20 -23.00 -6.40 -12.42
CA ILE A 20 -22.81 -5.94 -11.05
C ILE A 20 -23.68 -4.70 -10.87
N ALA A 21 -23.72 -3.84 -11.90
CA ALA A 21 -24.62 -2.66 -11.84
C ALA A 21 -26.07 -3.01 -11.55
N TRP A 22 -26.50 -4.19 -11.97
CA TRP A 22 -27.87 -4.56 -11.71
C TRP A 22 -27.99 -5.06 -10.25
N GLY A 23 -26.93 -5.65 -9.71
CA GLY A 23 -26.95 -6.01 -8.27
C GLY A 23 -27.07 -4.67 -7.52
N ILE A 24 -26.35 -3.66 -8.00
CA ILE A 24 -26.37 -2.38 -7.35
C ILE A 24 -27.74 -1.71 -7.48
N ALA A 25 -28.31 -1.64 -8.69
CA ALA A 25 -29.65 -1.10 -8.89
C ALA A 25 -30.67 -1.75 -7.91
N ARG A 26 -30.58 -3.05 -7.74
CA ARG A 26 -31.61 -3.74 -6.89
C ARG A 26 -31.46 -3.29 -5.44
N SER A 27 -30.22 -3.28 -4.93
CA SER A 27 -30.00 -2.86 -3.57
C SER A 27 -30.45 -1.39 -3.39
N LEU A 28 -30.15 -0.52 -4.35
CA LEU A 28 -30.52 0.86 -4.15
C LEU A 28 -32.02 1.00 -4.10
N HIS A 29 -32.68 0.24 -4.99
CA HIS A 29 -34.10 0.25 -5.09
C HIS A 29 -34.72 -0.29 -3.83
N ASN A 30 -34.19 -1.40 -3.30
CA ASN A 30 -34.68 -1.92 -2.04
C ASN A 30 -34.40 -1.01 -0.85
N ALA A 31 -33.63 0.06 -1.06
CA ALA A 31 -33.35 0.98 0.05
C ALA A 31 -34.10 2.28 -0.16
N GLY A 32 -34.99 2.29 -1.16
CA GLY A 32 -36.00 3.35 -1.34
C GLY A 32 -35.65 4.38 -2.38
N ALA A 33 -34.52 4.16 -3.05
CA ALA A 33 -34.04 5.12 -4.02
C ALA A 33 -34.85 5.05 -5.32
N LYS A 34 -34.88 6.19 -6.02
CA LYS A 34 -35.37 6.24 -7.38
C LYS A 34 -34.15 6.12 -8.27
N LEU A 35 -34.35 5.52 -9.45
CA LEU A 35 -33.24 5.16 -10.34
C LEU A 35 -33.39 5.66 -11.72
N ILE A 36 -32.25 6.14 -12.26
CA ILE A 36 -32.08 6.46 -13.67
C ILE A 36 -31.02 5.50 -14.23
N PHE A 37 -31.27 4.92 -15.43
CA PHE A 37 -30.35 3.96 -16.05
C PHE A 37 -29.77 4.50 -17.32
N THR A 38 -28.52 4.14 -17.56
CA THR A 38 -27.93 4.43 -18.90
C THR A 38 -27.44 3.15 -19.59
N TYR A 39 -27.29 3.21 -20.93
CA TYR A 39 -26.87 2.03 -21.65
C TYR A 39 -25.93 2.51 -22.71
N ALA A 40 -25.00 1.70 -23.21
CA ALA A 40 -24.52 2.12 -24.54
C ALA A 40 -24.65 1.14 -25.68
N GLY A 41 -25.54 1.44 -26.60
CA GLY A 41 -25.49 0.79 -27.90
C GLY A 41 -26.82 1.05 -28.51
N GLU A 42 -27.19 0.28 -29.53
CA GLU A 42 -28.59 0.23 -29.85
C GLU A 42 -29.23 -0.86 -29.02
N ARG A 43 -28.83 -2.11 -29.21
CA ARG A 43 -29.59 -3.16 -28.57
C ARG A 43 -28.85 -4.12 -27.64
N LEU A 44 -28.60 -3.55 -26.47
CA LEU A 44 -29.05 -4.15 -25.23
C LEU A 44 -29.88 -3.03 -24.56
N GLU A 45 -30.38 -2.09 -25.37
CA GLU A 45 -31.23 -1.01 -24.87
C GLU A 45 -32.43 -1.56 -24.10
N ARG A 46 -33.29 -2.29 -24.79
CA ARG A 46 -34.22 -3.16 -24.11
C ARG A 46 -33.32 -4.32 -23.77
N ASN A 47 -33.56 -4.90 -22.61
CA ASN A 47 -32.55 -5.59 -21.78
C ASN A 47 -32.48 -4.66 -20.60
N VAL A 48 -31.85 -3.50 -20.78
CA VAL A 48 -31.83 -2.46 -19.73
C VAL A 48 -33.26 -2.00 -19.49
N ARG A 49 -33.94 -1.58 -20.56
CA ARG A 49 -35.33 -1.11 -20.52
C ARG A 49 -36.24 -2.15 -19.86
N GLU A 50 -36.06 -3.42 -20.23
CA GLU A 50 -36.85 -4.49 -19.61
C GLU A 50 -36.48 -4.74 -18.14
N LEU A 51 -35.18 -4.74 -17.81
CA LEU A 51 -34.78 -4.89 -16.40
C LEU A 51 -35.34 -3.75 -15.59
N ALA A 52 -35.15 -2.53 -16.04
CA ALA A 52 -35.73 -1.40 -15.33
C ALA A 52 -37.18 -1.72 -14.98
N ASP A 53 -37.92 -2.19 -16.00
CA ASP A 53 -39.36 -2.32 -15.92
C ASP A 53 -39.83 -3.20 -14.79
N THR A 54 -39.00 -4.17 -14.38
CA THR A 54 -39.33 -5.10 -13.27
C THR A 54 -39.36 -4.38 -11.92
N LEU A 55 -38.71 -3.22 -11.82
CA LEU A 55 -38.65 -2.51 -10.55
C LEU A 55 -39.97 -1.86 -10.28
N GLU A 56 -40.47 -2.09 -9.04
CA GLU A 56 -41.89 -1.93 -8.72
C GLU A 56 -42.55 -0.59 -9.02
N GLY A 57 -42.03 0.51 -8.46
CA GLY A 57 -42.79 1.77 -8.43
C GLY A 57 -42.89 2.55 -9.73
N GLN A 58 -42.61 3.85 -9.64
CA GLN A 58 -42.48 4.73 -10.79
C GLN A 58 -41.54 4.15 -11.88
N GLU A 59 -41.82 4.45 -13.15
CA GLU A 59 -40.90 4.03 -14.23
C GLU A 59 -39.60 4.86 -14.20
N SER A 60 -38.51 4.28 -14.70
CA SER A 60 -37.21 4.87 -14.57
C SER A 60 -36.88 5.49 -15.91
N LEU A 61 -36.23 6.65 -15.90
CA LEU A 61 -35.69 7.22 -17.12
C LEU A 61 -34.61 6.28 -17.58
N VAL A 62 -34.56 5.98 -18.88
CA VAL A 62 -33.53 5.17 -19.46
C VAL A 62 -32.96 5.87 -20.69
N LEU A 63 -31.63 6.10 -20.68
CA LEU A 63 -30.98 7.11 -21.55
C LEU A 63 -29.69 6.56 -22.13
N PRO A 64 -29.43 6.83 -23.43
CA PRO A 64 -28.20 6.31 -24.08
C PRO A 64 -27.01 7.10 -23.58
N CYS A 65 -25.93 6.40 -23.18
CA CYS A 65 -24.68 7.06 -22.73
C CYS A 65 -23.39 6.29 -23.01
N ASP A 66 -22.95 6.35 -24.25
CA ASP A 66 -21.63 5.89 -24.65
C ASP A 66 -20.55 6.88 -24.16
N VAL A 67 -19.73 6.43 -23.21
CA VAL A 67 -18.82 7.35 -22.47
C VAL A 67 -17.65 7.68 -23.31
N THR A 68 -17.59 7.02 -24.45
CA THR A 68 -16.64 7.31 -25.52
C THR A 68 -17.01 8.59 -26.26
N ASN A 69 -18.24 9.06 -26.02
CA ASN A 69 -18.83 10.12 -26.84
C ASN A 69 -19.19 11.35 -26.07
N ASP A 70 -18.44 12.43 -26.24
CA ASP A 70 -18.68 13.66 -25.44
C ASP A 70 -20.14 14.16 -25.55
N GLU A 71 -20.64 14.27 -26.78
CA GLU A 71 -22.00 14.78 -26.97
C GLU A 71 -23.04 13.96 -26.20
N GLU A 72 -22.87 12.64 -26.20
CA GLU A 72 -23.84 11.76 -25.55
C GLU A 72 -23.77 11.94 -24.00
N LEU A 73 -22.57 12.18 -23.49
CA LEU A 73 -22.37 12.42 -22.04
C LEU A 73 -23.07 13.69 -21.65
N THR A 74 -22.82 14.74 -22.44
CA THR A 74 -23.43 16.04 -22.18
C THR A 74 -24.94 15.90 -22.26
N ALA A 75 -25.45 15.24 -23.30
CA ALA A 75 -26.92 15.13 -23.53
C ALA A 75 -27.59 14.37 -22.41
N CYS A 76 -26.96 13.33 -21.94
CA CYS A 76 -27.57 12.46 -20.93
C CYS A 76 -27.76 13.26 -19.63
N PHE A 77 -26.68 13.92 -19.14
CA PHE A 77 -26.80 14.56 -17.81
C PHE A 77 -27.60 15.85 -17.92
N GLU A 78 -27.48 16.48 -19.08
CA GLU A 78 -28.38 17.58 -19.44
C GLU A 78 -29.84 17.15 -19.34
N THR A 79 -30.17 16.00 -19.92
CA THR A 79 -31.52 15.48 -19.88
C THR A 79 -31.91 15.16 -18.43
N ILE A 80 -30.95 14.64 -17.65
CA ILE A 80 -31.26 14.39 -16.24
C ILE A 80 -31.60 15.75 -15.58
N LYS A 81 -30.83 16.76 -15.92
CA LYS A 81 -31.05 18.04 -15.30
C LYS A 81 -32.46 18.60 -15.60
N GLN A 82 -32.83 18.58 -16.88
CA GLN A 82 -34.15 19.08 -17.32
C GLN A 82 -35.25 18.26 -16.73
N GLU A 83 -35.07 16.96 -16.64
CA GLU A 83 -36.16 16.11 -16.20
C GLU A 83 -36.37 16.07 -14.69
N VAL A 84 -35.30 15.87 -13.90
CA VAL A 84 -35.49 15.64 -12.45
C VAL A 84 -34.73 16.67 -11.59
N GLY A 85 -33.90 17.49 -12.22
CA GLY A 85 -33.26 18.59 -11.54
C GLY A 85 -32.08 18.20 -10.67
N THR A 86 -32.27 17.27 -9.74
CA THR A 86 -31.19 16.96 -8.82
C THR A 86 -31.04 15.50 -8.68
N ILE A 87 -29.80 15.05 -8.70
CA ILE A 87 -29.52 13.66 -8.34
C ILE A 87 -28.57 13.60 -7.16
N HIS A 88 -28.53 12.43 -6.52
CA HIS A 88 -27.76 12.25 -5.28
C HIS A 88 -26.50 11.37 -5.42
N GLY A 89 -26.25 10.84 -6.61
CA GLY A 89 -25.04 10.07 -6.85
C GLY A 89 -25.06 9.33 -8.17
N VAL A 90 -23.89 8.77 -8.50
CA VAL A 90 -23.74 7.96 -9.72
C VAL A 90 -22.95 6.70 -9.40
N ALA A 91 -23.43 5.58 -9.94
CA ALA A 91 -22.73 4.33 -9.95
C ALA A 91 -22.12 4.10 -11.33
N HIS A 92 -20.80 4.12 -11.40
CA HIS A 92 -20.08 3.93 -12.65
C HIS A 92 -19.59 2.50 -12.66
N CYS A 93 -20.15 1.64 -13.52
CA CYS A 93 -19.78 0.22 -13.57
C CYS A 93 -19.50 -0.15 -14.97
N ILE A 94 -18.39 0.33 -15.50
CA ILE A 94 -18.17 0.34 -16.91
C ILE A 94 -16.71 0.06 -17.15
N ALA A 95 -16.42 -0.96 -17.94
CA ALA A 95 -15.06 -1.25 -18.37
C ALA A 95 -15.10 -1.86 -19.78
N PHE A 96 -14.05 -1.60 -20.56
CA PHE A 96 -13.82 -2.26 -21.83
C PHE A 96 -12.32 -2.25 -22.20
N ALA A 97 -11.85 -3.34 -22.77
CA ALA A 97 -10.57 -3.40 -23.41
C ALA A 97 -10.73 -4.37 -24.58
N ASN A 98 -9.88 -4.24 -25.59
CA ASN A 98 -9.93 -5.22 -26.70
C ASN A 98 -9.57 -6.58 -26.14
N ARG A 99 -10.41 -7.58 -26.44
CA ARG A 99 -10.27 -8.95 -25.92
C ARG A 99 -8.90 -9.61 -26.14
N ASP A 100 -8.27 -9.33 -27.28
CA ASP A 100 -6.96 -9.92 -27.66
C ASP A 100 -5.85 -9.35 -26.76
N ASP A 101 -6.13 -8.20 -26.14
CA ASP A 101 -5.16 -7.64 -25.17
C ASP A 101 -5.23 -8.40 -23.82
N LEU A 102 -6.28 -9.20 -23.57
CA LEU A 102 -6.44 -9.85 -22.25
C LEU A 102 -5.95 -11.28 -22.23
N LYS A 103 -4.80 -11.45 -22.86
CA LYS A 103 -4.11 -12.71 -22.99
C LYS A 103 -2.69 -12.36 -23.36
N GLY A 104 -1.80 -13.32 -23.16
CA GLY A 104 -0.41 -13.12 -23.58
C GLY A 104 0.33 -12.07 -22.78
N GLU A 105 1.37 -11.50 -23.36
CA GLU A 105 2.17 -10.59 -22.58
C GLU A 105 1.63 -9.18 -22.67
N PHE A 106 1.48 -8.53 -21.56
CA PHE A 106 1.18 -7.09 -21.59
C PHE A 106 2.10 -6.21 -22.55
N VAL A 107 3.36 -6.55 -22.67
CA VAL A 107 4.34 -5.72 -23.43
C VAL A 107 3.95 -5.67 -24.94
N ASP A 108 3.12 -6.61 -25.37
CA ASP A 108 2.64 -6.57 -26.77
C ASP A 108 1.34 -5.77 -27.01
N THR A 109 0.84 -5.07 -26.02
CA THR A 109 -0.38 -4.27 -26.17
C THR A 109 -0.20 -3.13 -27.09
N SER A 110 -1.09 -2.94 -28.06
CA SER A 110 -0.82 -1.83 -29.01
C SER A 110 -1.24 -0.52 -28.35
N ARG A 111 -0.71 0.56 -28.92
CA ARG A 111 -0.98 1.90 -28.43
C ARG A 111 -2.49 2.12 -28.47
N ASP A 112 -3.10 1.87 -29.61
CA ASP A 112 -4.56 2.04 -29.72
C ASP A 112 -5.29 1.18 -28.68
N GLY A 113 -4.87 -0.06 -28.49
CA GLY A 113 -5.52 -0.92 -27.45
C GLY A 113 -5.41 -0.30 -26.03
N PHE A 114 -4.26 0.29 -25.73
CA PHE A 114 -3.94 0.88 -24.43
C PHE A 114 -4.84 2.07 -24.23
N LEU A 115 -4.89 2.96 -25.20
CA LEU A 115 -5.66 4.19 -25.06
C LEU A 115 -7.17 3.93 -25.04
N LEU A 116 -7.62 2.93 -25.81
CA LEU A 116 -9.00 2.52 -25.78
C LEU A 116 -9.38 2.10 -24.35
N ALA A 117 -8.61 1.21 -23.74
CA ALA A 117 -8.92 0.75 -22.38
C ALA A 117 -8.91 1.91 -21.34
N GLN A 118 -7.91 2.83 -21.43
CA GLN A 118 -7.85 4.01 -20.54
C GLN A 118 -9.09 4.93 -20.77
N ASN A 119 -9.40 5.16 -22.05
CA ASN A 119 -10.51 5.99 -22.41
C ASN A 119 -11.81 5.50 -21.72
N ILE A 120 -12.23 4.26 -22.02
CA ILE A 120 -13.48 3.74 -21.50
C ILE A 120 -13.49 3.37 -20.01
N SER A 121 -12.40 2.75 -19.53
CA SER A 121 -12.34 2.17 -18.21
C SER A 121 -11.82 3.13 -17.12
N ALA A 122 -11.14 4.20 -17.51
CA ALA A 122 -10.57 5.14 -16.51
C ALA A 122 -11.03 6.58 -16.72
N PHE A 123 -10.75 7.15 -17.89
CA PHE A 123 -11.18 8.52 -18.17
C PHE A 123 -12.66 8.77 -17.97
N SER A 124 -13.49 7.81 -18.33
CA SER A 124 -14.92 7.93 -18.29
C SER A 124 -15.48 8.23 -16.94
N LEU A 125 -14.87 7.74 -15.86
CA LEU A 125 -15.19 8.18 -14.50
C LEU A 125 -15.09 9.70 -14.39
N THR A 126 -14.01 10.26 -14.94
CA THR A 126 -13.84 11.71 -14.84
C THR A 126 -14.85 12.48 -15.72
N ALA A 127 -15.13 11.95 -16.88
CA ALA A 127 -16.06 12.65 -17.75
C ALA A 127 -17.43 12.62 -17.08
N VAL A 128 -17.77 11.52 -16.43
CA VAL A 128 -19.04 11.38 -15.81
C VAL A 128 -19.09 12.23 -14.52
N ALA A 129 -17.99 12.28 -13.77
CA ALA A 129 -18.01 13.13 -12.60
C ALA A 129 -18.18 14.62 -12.93
N ARG A 130 -17.60 15.06 -14.04
CA ARG A 130 -17.70 16.44 -14.42
C ARG A 130 -19.17 16.78 -14.75
N GLU A 131 -19.83 15.96 -15.59
CA GLU A 131 -21.25 16.14 -15.81
C GLU A 131 -22.10 16.00 -14.52
N ALA A 132 -21.77 15.03 -13.69
CA ALA A 132 -22.59 14.77 -12.50
C ALA A 132 -22.50 15.92 -11.49
N LYS A 133 -21.33 16.54 -11.43
CA LYS A 133 -21.04 17.69 -10.58
C LYS A 133 -22.16 18.73 -10.69
N LYS A 134 -22.59 19.04 -11.91
CA LYS A 134 -23.66 20.04 -12.03
C LYS A 134 -25.08 19.64 -11.68
N VAL A 135 -25.35 18.38 -11.46
CA VAL A 135 -26.69 18.00 -11.06
C VAL A 135 -26.71 17.52 -9.61
N MET A 136 -25.54 17.44 -8.98
CA MET A 136 -25.43 16.94 -7.60
C MET A 136 -25.42 18.10 -6.65
N THR A 137 -26.58 18.70 -6.54
CA THR A 137 -26.76 20.04 -6.02
C THR A 137 -26.70 20.05 -4.50
N GLU A 138 -27.14 18.95 -3.92
CA GLU A 138 -27.13 18.74 -2.47
C GLU A 138 -25.99 17.76 -2.08
N GLY A 139 -25.05 17.52 -2.99
CA GLY A 139 -23.94 16.62 -2.67
C GLY A 139 -24.33 15.15 -2.82
N GLY A 140 -23.44 14.27 -2.40
CA GLY A 140 -23.70 12.85 -2.47
C GLY A 140 -22.40 12.13 -2.83
N ASN A 141 -22.53 10.90 -3.36
CA ASN A 141 -21.39 10.05 -3.68
C ASN A 141 -21.27 9.65 -5.16
N ILE A 142 -20.05 9.60 -5.67
CA ILE A 142 -19.82 8.93 -6.93
C ILE A 142 -19.08 7.62 -6.70
N LEU A 143 -19.61 6.54 -7.27
CA LEU A 143 -19.01 5.23 -7.11
C LEU A 143 -18.27 4.86 -8.39
N THR A 144 -17.39 3.88 -8.27
CA THR A 144 -16.95 3.15 -9.43
C THR A 144 -16.57 1.77 -8.94
N LEU A 145 -16.47 0.82 -9.86
CA LEU A 145 -16.06 -0.51 -9.48
C LEU A 145 -14.67 -0.75 -9.99
N THR A 146 -13.80 -1.29 -9.16
CA THR A 146 -12.50 -1.74 -9.60
C THR A 146 -12.26 -3.21 -9.29
N TYR A 147 -11.02 -3.61 -9.51
CA TYR A 147 -10.58 -4.94 -9.31
C TYR A 147 -9.13 -4.97 -8.80
N LEU A 148 -8.85 -5.98 -7.99
CA LEU A 148 -7.48 -6.24 -7.48
C LEU A 148 -6.36 -6.15 -8.51
N GLY A 149 -6.68 -6.49 -9.75
CA GLY A 149 -5.70 -6.49 -10.83
C GLY A 149 -5.12 -5.11 -11.03
N GLY A 150 -5.77 -4.06 -10.52
CA GLY A 150 -5.26 -2.69 -10.59
C GLY A 150 -4.25 -2.39 -9.51
N GLU A 151 -4.13 -3.30 -8.51
CA GLU A 151 -3.20 -3.07 -7.43
C GLU A 151 -2.03 -4.06 -7.55
N ARG A 152 -2.33 -5.31 -7.93
CA ARG A 152 -1.28 -6.35 -8.14
C ARG A 152 -1.61 -7.10 -9.39
N VAL A 153 -0.63 -7.81 -9.93
CA VAL A 153 -0.71 -8.38 -11.27
C VAL A 153 -1.62 -9.59 -11.20
N VAL A 154 -2.65 -9.67 -12.05
CA VAL A 154 -3.52 -10.85 -12.15
C VAL A 154 -3.24 -11.32 -13.52
N LYS A 155 -2.98 -12.61 -13.67
CA LYS A 155 -2.69 -13.20 -14.97
C LYS A 155 -3.74 -12.83 -16.02
N ASN A 156 -3.24 -12.44 -17.20
CA ASN A 156 -4.03 -11.99 -18.37
C ASN A 156 -4.82 -10.66 -18.24
N TYR A 157 -4.88 -10.07 -17.05
CA TYR A 157 -5.67 -8.83 -16.88
C TYR A 157 -4.96 -7.68 -17.60
N ASN A 158 -3.65 -7.71 -17.61
CA ASN A 158 -2.84 -6.91 -18.55
C ASN A 158 -3.34 -5.47 -18.64
N VAL A 159 -3.78 -5.09 -19.84
CA VAL A 159 -4.17 -3.76 -20.07
C VAL A 159 -5.31 -3.32 -19.20
N MET A 160 -6.15 -4.18 -18.72
CA MET A 160 -7.21 -3.66 -17.84
C MET A 160 -6.64 -3.39 -16.46
N GLY A 161 -5.56 -4.08 -16.09
CA GLY A 161 -4.94 -3.86 -14.82
C GLY A 161 -4.38 -2.44 -14.71
N VAL A 162 -3.65 -2.02 -15.73
CA VAL A 162 -3.16 -0.69 -15.80
C VAL A 162 -4.35 0.28 -15.80
N ALA A 163 -5.46 -0.09 -16.47
CA ALA A 163 -6.57 0.90 -16.59
C ALA A 163 -7.25 1.04 -15.22
N LYS A 164 -7.22 -0.03 -14.44
CA LYS A 164 -7.75 0.05 -13.06
C LYS A 164 -6.82 0.82 -12.14
N ALA A 165 -5.51 0.76 -12.34
CA ALA A 165 -4.64 1.58 -11.48
C ALA A 165 -5.01 3.03 -11.76
N SER A 166 -5.19 3.30 -13.04
CA SER A 166 -5.57 4.59 -13.53
C SER A 166 -6.92 5.03 -12.94
N LEU A 167 -7.87 4.12 -12.87
CA LEU A 167 -9.19 4.40 -12.33
C LEU A 167 -9.06 4.71 -10.85
N GLU A 168 -8.26 3.93 -10.17
CA GLU A 168 -8.15 4.08 -8.76
C GLU A 168 -7.48 5.44 -8.34
N ALA A 169 -6.46 5.84 -9.10
CA ALA A 169 -5.86 7.15 -8.87
C ALA A 169 -6.86 8.27 -9.22
N SER A 170 -7.74 8.06 -10.22
CA SER A 170 -8.73 9.04 -10.56
C SER A 170 -9.69 9.22 -9.39
N VAL A 171 -10.09 8.12 -8.75
CA VAL A 171 -10.97 8.23 -7.56
C VAL A 171 -10.37 9.17 -6.54
N LYS A 172 -9.08 8.99 -6.21
CA LYS A 172 -8.39 9.88 -5.25
C LYS A 172 -8.33 11.34 -5.67
N TYR A 173 -7.85 11.62 -6.90
CA TYR A 173 -7.80 13.00 -7.38
C TYR A 173 -9.23 13.64 -7.48
N LEU A 174 -10.20 12.85 -7.91
CA LEU A 174 -11.57 13.39 -8.00
C LEU A 174 -12.10 13.63 -6.59
N ALA A 175 -11.79 12.75 -5.66
CA ALA A 175 -12.19 12.99 -4.27
C ALA A 175 -11.61 14.30 -3.79
N ASN A 176 -10.31 14.51 -4.07
CA ASN A 176 -9.72 15.79 -3.65
C ASN A 176 -10.38 17.01 -4.29
N ASP A 177 -10.84 16.89 -5.52
CA ASP A 177 -11.46 18.02 -6.22
C ASP A 177 -12.86 18.34 -5.71
N LEU A 178 -13.66 17.29 -5.48
CA LEU A 178 -15.11 17.41 -5.34
C LEU A 178 -15.67 17.49 -3.90
N GLY A 179 -14.84 17.10 -2.93
CA GLY A 179 -15.19 17.13 -1.51
C GLY A 179 -15.69 18.51 -1.04
N GLN A 180 -15.06 19.56 -1.52
CA GLN A 180 -15.43 20.90 -1.20
C GLN A 180 -16.80 21.27 -1.79
N HIS A 181 -17.30 20.47 -2.73
CA HIS A 181 -18.61 20.64 -3.32
C HIS A 181 -19.61 19.68 -2.67
N GLY A 182 -19.19 18.97 -1.61
CA GLY A 182 -20.12 18.07 -0.90
C GLY A 182 -20.16 16.72 -1.55
N ILE A 183 -19.30 16.47 -2.52
CA ILE A 183 -19.36 15.18 -3.23
C ILE A 183 -18.21 14.24 -2.82
N ARG A 184 -18.58 13.01 -2.46
CA ARG A 184 -17.57 12.01 -2.12
C ARG A 184 -17.38 11.15 -3.36
N VAL A 185 -16.22 10.51 -3.46
CA VAL A 185 -15.90 9.64 -4.60
C VAL A 185 -15.19 8.41 -4.09
N ASN A 186 -15.76 7.23 -4.33
CA ASN A 186 -15.19 6.00 -3.75
C ASN A 186 -15.23 4.86 -4.75
N ALA A 187 -14.43 3.81 -4.49
CA ALA A 187 -14.43 2.64 -5.34
C ALA A 187 -14.88 1.43 -4.53
N ILE A 188 -15.53 0.45 -5.17
CA ILE A 188 -15.61 -0.84 -4.58
C ILE A 188 -14.72 -1.83 -5.39
N SER A 189 -13.76 -2.48 -4.71
CA SER A 189 -12.92 -3.48 -5.36
C SER A 189 -13.63 -4.87 -5.23
N ALA A 190 -14.34 -5.32 -6.26
CA ALA A 190 -15.13 -6.54 -6.08
C ALA A 190 -14.32 -7.77 -6.42
N GLY A 191 -14.71 -8.88 -5.80
CA GLY A 191 -14.18 -10.18 -6.17
C GLY A 191 -14.72 -10.60 -7.55
N PRO A 192 -14.07 -11.58 -8.16
CA PRO A 192 -14.45 -12.14 -9.45
C PRO A 192 -15.91 -12.62 -9.34
N ILE A 193 -16.71 -12.25 -10.32
CA ILE A 193 -18.09 -12.58 -10.36
C ILE A 193 -18.39 -12.94 -11.81
N ARG A 194 -19.29 -13.91 -11.98
CA ARG A 194 -19.76 -14.32 -13.32
C ARG A 194 -20.70 -13.37 -13.99
N THR A 195 -20.19 -12.66 -14.97
CA THR A 195 -20.95 -11.67 -15.72
C THR A 195 -20.49 -11.75 -17.18
N LEU A 196 -21.06 -10.96 -18.05
CA LEU A 196 -20.55 -10.87 -19.38
C LEU A 196 -19.07 -10.50 -19.44
N SER A 197 -18.59 -9.72 -18.47
CA SER A 197 -17.20 -9.25 -18.56
C SER A 197 -16.23 -10.30 -18.08
N ALA A 198 -16.76 -11.46 -17.71
CA ALA A 198 -15.97 -12.61 -17.33
C ALA A 198 -15.97 -13.69 -18.40
N LYS A 199 -16.74 -13.48 -19.46
CA LYS A 199 -16.77 -14.43 -20.59
C LYS A 199 -15.55 -14.27 -21.47
N GLY A 200 -14.81 -15.37 -21.62
CA GLY A 200 -13.60 -15.34 -22.39
C GLY A 200 -12.35 -15.40 -21.54
N VAL A 201 -12.49 -15.45 -20.22
CA VAL A 201 -11.29 -15.59 -19.41
C VAL A 201 -10.98 -17.06 -19.15
N GLY A 202 -9.72 -17.36 -19.41
CA GLY A 202 -9.14 -18.63 -19.09
C GLY A 202 -9.48 -19.01 -17.67
N ASP A 203 -10.24 -20.10 -17.56
CA ASP A 203 -10.33 -20.82 -16.32
C ASP A 203 -11.10 -20.00 -15.27
N PHE A 204 -12.23 -19.39 -15.65
CA PHE A 204 -12.95 -18.57 -14.73
C PHE A 204 -13.43 -19.49 -13.63
N ASN A 205 -13.84 -20.71 -13.98
CA ASN A 205 -14.26 -21.67 -12.98
C ASN A 205 -13.20 -22.02 -11.94
N SER A 206 -11.96 -22.23 -12.35
CA SER A 206 -10.91 -22.51 -11.37
C SER A 206 -10.48 -21.25 -10.56
N ILE A 207 -10.67 -20.07 -11.14
CA ILE A 207 -10.58 -18.83 -10.35
C ILE A 207 -11.59 -18.85 -9.21
N LEU A 208 -12.86 -18.98 -9.54
CA LEU A 208 -13.90 -19.03 -8.48
C LEU A 208 -13.61 -20.15 -7.52
N ARG A 209 -13.10 -21.27 -8.03
CA ARG A 209 -12.80 -22.37 -7.12
C ARG A 209 -11.74 -21.99 -6.09
N GLU A 210 -10.69 -21.28 -6.50
CA GLU A 210 -9.71 -21.06 -5.45
C GLU A 210 -10.05 -19.84 -4.56
N ILE A 211 -11.03 -19.05 -5.01
CA ILE A 211 -11.58 -18.07 -4.08
C ILE A 211 -12.33 -18.81 -2.98
N GLU A 212 -13.23 -19.74 -3.35
CA GLU A 212 -14.02 -20.53 -2.40
C GLU A 212 -13.16 -21.22 -1.37
N GLU A 213 -12.09 -21.85 -1.81
CA GLU A 213 -11.32 -22.57 -0.82
C GLU A 213 -10.31 -21.69 -0.04
N ARG A 214 -9.85 -20.57 -0.60
CA ARG A 214 -8.81 -19.78 0.12
C ARG A 214 -9.21 -18.41 0.72
N ALA A 215 -10.21 -17.74 0.18
CA ALA A 215 -10.56 -16.44 0.72
C ALA A 215 -10.99 -16.64 2.17
N PRO A 216 -10.67 -15.70 3.06
CA PRO A 216 -11.09 -15.80 4.45
C PRO A 216 -12.54 -16.25 4.66
N LEU A 217 -13.48 -15.77 3.83
CA LEU A 217 -14.89 -16.08 3.96
C LEU A 217 -15.31 -17.37 3.23
N ARG A 218 -14.41 -17.98 2.48
CA ARG A 218 -14.69 -19.32 1.91
C ARG A 218 -15.88 -19.38 0.97
N ARG A 219 -16.05 -18.33 0.19
CA ARG A 219 -17.09 -18.27 -0.81
C ARG A 219 -16.77 -17.12 -1.76
N THR A 220 -17.31 -17.19 -2.96
CA THR A 220 -17.16 -16.14 -3.92
C THR A 220 -18.09 -15.00 -3.64
N THR A 221 -17.82 -13.87 -4.28
CA THR A 221 -18.54 -12.64 -4.09
C THR A 221 -19.83 -12.66 -4.92
N THR A 222 -20.88 -12.00 -4.41
CA THR A 222 -22.13 -11.84 -5.19
C THR A 222 -22.39 -10.41 -5.54
N GLN A 223 -23.15 -10.25 -6.62
CA GLN A 223 -23.62 -8.96 -7.03
C GLN A 223 -24.36 -8.25 -5.87
N GLU A 224 -25.17 -8.98 -5.11
CA GLU A 224 -25.91 -8.42 -4.00
C GLU A 224 -24.97 -7.94 -2.94
N GLU A 225 -23.86 -8.61 -2.63
CA GLU A 225 -22.90 -8.10 -1.65
C GLU A 225 -22.28 -6.79 -2.08
N VAL A 226 -22.00 -6.69 -3.39
CA VAL A 226 -21.51 -5.44 -3.97
C VAL A 226 -22.56 -4.32 -3.86
N GLY A 227 -23.79 -4.61 -4.27
CA GLY A 227 -24.85 -3.61 -4.12
C GLY A 227 -25.16 -3.19 -2.69
N ASP A 228 -25.02 -4.06 -1.73
CA ASP A 228 -25.26 -3.60 -0.39
C ASP A 228 -24.16 -2.67 0.14
N THR A 229 -22.88 -2.92 -0.21
CA THR A 229 -21.90 -1.92 0.13
C THR A 229 -22.07 -0.68 -0.67
N ALA A 230 -22.60 -0.77 -1.88
CA ALA A 230 -22.91 0.46 -2.60
C ALA A 230 -23.96 1.31 -1.83
N VAL A 231 -24.98 0.67 -1.29
CA VAL A 231 -26.00 1.36 -0.50
C VAL A 231 -25.35 2.15 0.63
N PHE A 232 -24.43 1.51 1.39
CA PHE A 232 -23.71 2.19 2.40
C PHE A 232 -23.05 3.43 1.87
N LEU A 233 -22.26 3.31 0.79
CA LEU A 233 -21.47 4.44 0.27
C LEU A 233 -22.35 5.54 -0.25
N PHE A 234 -23.51 5.20 -0.80
CA PHE A 234 -24.42 6.27 -1.21
C PHE A 234 -25.21 6.83 -0.04
N SER A 235 -25.32 6.15 1.08
CA SER A 235 -26.11 6.64 2.17
C SER A 235 -25.33 7.66 3.05
N ASP A 236 -26.04 8.25 4.03
CA ASP A 236 -25.49 9.19 5.01
C ASP A 236 -24.46 8.55 5.97
N LEU A 237 -24.62 7.26 6.12
CA LEU A 237 -23.75 6.52 6.99
C LEU A 237 -22.29 6.68 6.60
N ALA A 238 -22.06 6.91 5.32
CA ALA A 238 -20.73 6.98 4.77
C ALA A 238 -20.21 8.40 4.61
N ARG A 239 -20.88 9.40 5.19
CA ARG A 239 -20.57 10.79 4.96
C ARG A 239 -19.15 11.13 5.33
N GLY A 240 -18.46 10.33 6.10
CA GLY A 240 -17.09 10.70 6.35
C GLY A 240 -16.10 9.90 5.48
N VAL A 241 -16.64 9.08 4.56
CA VAL A 241 -15.82 8.22 3.72
C VAL A 241 -15.66 8.77 2.29
N THR A 242 -14.43 9.09 1.94
CA THR A 242 -14.17 9.51 0.56
C THR A 242 -12.73 9.14 0.18
N GLY A 243 -12.51 8.91 -1.11
CA GLY A 243 -11.27 8.54 -1.66
C GLY A 243 -10.82 7.17 -1.19
N GLU A 244 -11.81 6.33 -0.90
CA GLU A 244 -11.64 5.03 -0.39
C GLU A 244 -11.95 3.92 -1.41
N ASN A 245 -11.28 2.79 -1.22
CA ASN A 245 -11.48 1.62 -2.06
C ASN A 245 -11.87 0.45 -1.13
N ILE A 246 -13.13 0.08 -1.14
CA ILE A 246 -13.58 -0.96 -0.23
C ILE A 246 -13.62 -2.29 -0.92
N HIS A 247 -12.84 -3.27 -0.43
CA HIS A 247 -12.78 -4.62 -1.04
C HIS A 247 -13.96 -5.48 -0.63
N VAL A 248 -14.79 -5.85 -1.59
CA VAL A 248 -15.96 -6.74 -1.33
C VAL A 248 -15.60 -7.99 -2.10
N ASP A 249 -14.69 -8.77 -1.52
CA ASP A 249 -14.11 -9.93 -2.20
C ASP A 249 -13.91 -11.11 -1.22
N SER A 250 -14.79 -11.24 -0.22
CA SER A 250 -14.59 -12.30 0.76
C SER A 250 -13.24 -12.29 1.42
N GLY A 251 -12.54 -11.14 1.42
CA GLY A 251 -11.24 -11.02 2.11
C GLY A 251 -10.03 -11.47 1.30
N TYR A 252 -10.24 -11.82 0.04
CA TYR A 252 -9.17 -12.38 -0.73
C TYR A 252 -7.93 -11.44 -0.80
N HIS A 253 -8.20 -10.14 -0.94
CA HIS A 253 -7.13 -9.13 -1.15
C HIS A 253 -6.04 -9.14 -0.08
N ILE A 254 -6.25 -9.74 1.09
CA ILE A 254 -5.28 -9.70 2.21
C ILE A 254 -4.28 -10.85 2.12
N LEU A 255 -4.52 -11.82 1.25
CA LEU A 255 -3.71 -13.03 1.19
C LEU A 255 -2.37 -12.82 0.43
N GLY A 256 -1.27 -13.37 0.92
CA GLY A 256 -0.06 -13.53 0.09
C GLY A 256 -0.10 -14.95 -0.45
N LEU A 257 1.06 -15.57 -0.67
CA LEU A 257 1.23 -17.06 -0.68
C LEU A 257 2.73 -17.39 -0.38
N GLU B 2 34.50 -2.60 -11.85
CA GLU B 2 33.77 -1.28 -11.82
C GLU B 2 32.23 -1.25 -11.86
N LEU B 3 31.60 -2.23 -12.48
CA LEU B 3 30.19 -2.55 -12.08
C LEU B 3 29.26 -2.60 -13.24
N LEU B 4 29.39 -1.63 -14.16
CA LEU B 4 28.68 -1.79 -15.42
C LEU B 4 29.64 -1.87 -16.63
N GLN B 5 30.92 -2.17 -16.33
CA GLN B 5 31.97 -2.52 -17.35
C GLN B 5 31.44 -3.41 -18.45
N GLY B 6 31.66 -3.05 -19.71
CA GLY B 6 31.25 -3.93 -20.79
C GLY B 6 29.80 -3.77 -21.23
N LYS B 7 29.02 -2.92 -20.53
CA LYS B 7 27.59 -2.86 -20.80
C LYS B 7 27.16 -1.55 -21.44
N THR B 8 26.13 -1.60 -22.26
CA THR B 8 25.66 -0.41 -22.88
C THR B 8 24.23 -0.15 -22.51
N PHE B 9 23.91 1.09 -22.16
CA PHE B 9 22.52 1.44 -21.83
C PHE B 9 21.98 2.54 -22.68
N VAL B 10 20.69 2.43 -22.94
CA VAL B 10 19.95 3.48 -23.61
C VAL B 10 19.35 4.46 -22.55
N VAL B 11 19.75 5.72 -22.59
CA VAL B 11 19.18 6.72 -21.70
C VAL B 11 18.24 7.63 -22.48
N MET B 12 16.96 7.58 -22.16
CA MET B 12 15.97 8.40 -22.88
C MET B 12 15.45 9.52 -22.02
N GLY B 13 15.51 10.75 -22.51
CA GLY B 13 14.93 11.85 -21.75
C GLY B 13 15.80 13.03 -21.39
N VAL B 14 17.06 12.97 -21.76
CA VAL B 14 17.93 14.15 -21.52
C VAL B 14 17.40 15.32 -22.35
N ALA B 15 17.14 16.45 -21.68
CA ALA B 15 16.79 17.66 -22.37
C ALA B 15 17.84 18.77 -22.06
N ASN B 16 18.39 18.79 -20.84
CA ASN B 16 19.53 19.69 -20.54
C ASN B 16 20.33 19.16 -19.36
N GLN B 17 21.24 19.94 -18.82
CA GLN B 17 22.11 19.49 -17.72
C GLN B 17 21.38 19.25 -16.41
N ARG B 18 20.14 19.73 -16.32
CA ARG B 18 19.36 19.51 -15.11
C ARG B 18 18.46 18.23 -15.15
N SER B 19 18.21 17.71 -16.35
CA SER B 19 17.42 16.50 -16.53
C SER B 19 17.92 15.40 -15.63
N ILE B 20 16.98 14.65 -15.03
CA ILE B 20 17.32 13.57 -14.15
C ILE B 20 17.98 12.54 -15.04
N ALA B 21 17.54 12.38 -16.29
CA ALA B 21 18.29 11.48 -17.19
C ALA B 21 19.78 11.82 -17.34
N TRP B 22 20.16 13.11 -17.24
CA TRP B 22 21.55 13.44 -17.36
C TRP B 22 22.31 12.99 -16.08
N GLY B 23 21.61 13.03 -14.92
CA GLY B 23 22.13 12.41 -13.66
C GLY B 23 22.38 10.92 -13.83
N ILE B 24 21.45 10.20 -14.45
CA ILE B 24 21.61 8.77 -14.63
C ILE B 24 22.73 8.50 -15.60
N ALA B 25 22.67 9.15 -16.77
CA ALA B 25 23.84 9.01 -17.66
C ALA B 25 25.17 9.19 -16.95
N ARG B 26 25.30 10.17 -16.08
CA ARG B 26 26.61 10.42 -15.50
C ARG B 26 27.05 9.29 -14.55
N SER B 27 26.14 8.85 -13.68
CA SER B 27 26.34 7.72 -12.81
C SER B 27 26.64 6.44 -13.65
N LEU B 28 25.90 6.21 -14.74
CA LEU B 28 26.13 4.97 -15.46
C LEU B 28 27.53 5.02 -16.06
N HIS B 29 27.92 6.13 -16.63
CA HIS B 29 29.28 6.24 -17.21
C HIS B 29 30.30 6.05 -16.15
N ASN B 30 30.05 6.58 -14.95
CA ASN B 30 31.07 6.51 -13.86
C ASN B 30 31.25 5.07 -13.38
N ALA B 31 30.21 4.27 -13.61
CA ALA B 31 30.27 2.86 -13.30
C ALA B 31 30.67 2.03 -14.52
N GLY B 32 31.36 2.68 -15.50
CA GLY B 32 31.92 1.94 -16.62
C GLY B 32 31.01 1.62 -17.80
N ALA B 33 29.77 2.08 -17.79
CA ALA B 33 28.89 1.79 -18.96
C ALA B 33 29.22 2.62 -20.17
N LYS B 34 28.90 2.10 -21.34
CA LYS B 34 28.73 2.90 -22.53
C LYS B 34 27.24 3.28 -22.65
N LEU B 35 26.97 4.35 -23.40
CA LEU B 35 25.65 4.97 -23.51
C LEU B 35 25.20 5.28 -24.92
N ILE B 36 23.90 5.17 -25.08
CA ILE B 36 23.21 5.66 -26.27
C ILE B 36 22.19 6.66 -25.72
N PHE B 37 22.05 7.84 -26.33
CA PHE B 37 21.11 8.82 -25.85
C PHE B 37 20.01 9.02 -26.88
N THR B 38 18.76 9.10 -26.41
CA THR B 38 17.66 9.46 -27.23
C THR B 38 16.97 10.73 -26.73
N TYR B 39 16.44 11.52 -27.69
CA TYR B 39 15.94 12.85 -27.39
C TYR B 39 14.64 13.10 -28.11
N ALA B 40 13.84 14.01 -27.55
CA ALA B 40 12.40 14.08 -27.89
C ALA B 40 12.21 14.60 -29.30
N GLY B 41 12.98 15.63 -29.63
CA GLY B 41 12.95 16.17 -30.99
C GLY B 41 14.15 17.04 -31.32
N GLU B 42 14.24 17.44 -32.57
CA GLU B 42 15.36 18.21 -33.14
C GLU B 42 15.85 19.40 -32.31
N ARG B 43 14.95 20.14 -31.66
CA ARG B 43 15.36 21.28 -30.86
C ARG B 43 16.34 20.93 -29.70
N LEU B 44 16.39 19.65 -29.35
CA LEU B 44 17.20 19.21 -28.22
C LEU B 44 18.52 18.58 -28.66
N GLU B 45 18.64 18.29 -29.93
CA GLU B 45 19.86 17.62 -30.40
C GLU B 45 21.16 18.30 -29.97
N ARG B 46 21.24 19.62 -30.08
CA ARG B 46 22.48 20.29 -29.76
C ARG B 46 22.82 20.06 -28.29
N ASN B 47 21.87 20.37 -27.39
CA ASN B 47 22.15 20.06 -25.93
C ASN B 47 22.65 18.67 -25.62
N VAL B 48 21.97 17.66 -26.17
CA VAL B 48 22.29 16.29 -25.88
C VAL B 48 23.64 15.90 -26.44
N ARG B 49 23.95 16.28 -27.68
CA ARG B 49 25.31 16.03 -28.21
C ARG B 49 26.39 16.68 -27.33
N GLU B 50 26.18 17.92 -26.90
CA GLU B 50 27.25 18.53 -26.05
C GLU B 50 27.38 17.86 -24.66
N LEU B 51 26.25 17.46 -24.05
CA LEU B 51 26.33 16.76 -22.77
C LEU B 51 27.10 15.43 -22.99
N ALA B 52 26.67 14.66 -23.96
CA ALA B 52 27.30 13.38 -24.20
C ALA B 52 28.79 13.51 -24.32
N ASP B 53 29.23 14.49 -25.11
CA ASP B 53 30.66 14.77 -25.32
C ASP B 53 31.44 15.30 -24.16
N THR B 54 30.81 15.66 -23.06
CA THR B 54 31.61 15.98 -21.86
C THR B 54 32.20 14.74 -21.23
N LEU B 55 31.69 13.55 -21.60
CA LEU B 55 32.11 12.30 -20.96
C LEU B 55 33.29 11.77 -21.73
N GLU B 56 34.34 11.36 -21.01
CA GLU B 56 35.48 10.63 -21.62
C GLU B 56 35.08 9.35 -22.37
N GLY B 57 35.85 9.02 -23.43
CA GLY B 57 35.62 7.76 -24.14
C GLY B 57 35.07 8.03 -25.52
N GLN B 58 34.75 6.99 -26.27
CA GLN B 58 34.29 7.06 -27.66
C GLN B 58 33.12 8.05 -27.80
N GLU B 59 32.54 8.23 -28.96
CA GLU B 59 31.59 9.32 -29.04
C GLU B 59 30.33 8.98 -28.16
N SER B 60 29.14 8.79 -28.72
CA SER B 60 27.98 8.13 -28.11
C SER B 60 26.98 8.43 -29.17
N LEU B 61 26.27 7.43 -29.65
CA LEU B 61 25.10 7.65 -30.43
C LEU B 61 24.14 8.59 -29.71
N VAL B 62 23.53 9.50 -30.47
CA VAL B 62 22.51 10.42 -30.00
C VAL B 62 21.43 10.44 -31.12
N LEU B 63 20.27 9.86 -30.81
CA LEU B 63 19.22 9.56 -31.80
C LEU B 63 17.91 10.22 -31.46
N PRO B 64 17.19 10.73 -32.48
CA PRO B 64 15.86 11.29 -32.13
C PRO B 64 14.90 10.17 -31.80
N CYS B 65 14.02 10.34 -30.83
CA CYS B 65 13.04 9.25 -30.56
C CYS B 65 11.82 9.86 -29.87
N ASP B 66 10.81 10.20 -30.66
CA ASP B 66 9.59 10.80 -30.15
C ASP B 66 8.64 9.64 -29.82
N VAL B 67 8.43 9.37 -28.54
CA VAL B 67 7.76 8.08 -28.15
C VAL B 67 6.30 7.99 -28.52
N THR B 68 5.84 9.06 -29.11
CA THR B 68 4.47 9.22 -29.59
C THR B 68 4.31 8.70 -31.04
N ASN B 69 5.44 8.49 -31.71
CA ASN B 69 5.51 8.22 -33.16
C ASN B 69 6.08 6.77 -33.30
N ASP B 70 5.20 5.85 -33.68
CA ASP B 70 5.56 4.44 -33.60
C ASP B 70 6.69 4.07 -34.57
N GLU B 71 6.68 4.67 -35.77
CA GLU B 71 7.74 4.47 -36.79
C GLU B 71 9.06 4.95 -36.30
N GLU B 72 9.07 6.13 -35.71
CA GLU B 72 10.30 6.68 -35.13
C GLU B 72 10.87 5.79 -33.99
N LEU B 73 9.99 5.42 -33.06
CA LEU B 73 10.37 4.54 -31.97
C LEU B 73 11.03 3.28 -32.53
N THR B 74 10.33 2.62 -33.45
CA THR B 74 10.81 1.41 -34.14
C THR B 74 12.11 1.60 -34.92
N ALA B 75 12.26 2.68 -35.67
CA ALA B 75 13.53 2.88 -36.42
C ALA B 75 14.68 3.17 -35.48
N CYS B 76 14.36 3.91 -34.42
CA CYS B 76 15.34 4.15 -33.38
C CYS B 76 16.03 2.87 -32.83
N PHE B 77 15.24 1.89 -32.38
CA PHE B 77 15.79 0.66 -31.83
C PHE B 77 16.38 -0.27 -32.92
N GLU B 78 15.82 -0.17 -34.12
CA GLU B 78 16.43 -0.82 -35.29
C GLU B 78 17.87 -0.24 -35.51
N THR B 79 17.98 1.06 -35.50
CA THR B 79 19.29 1.64 -35.62
C THR B 79 20.19 1.13 -34.51
N ILE B 80 19.66 1.12 -33.27
CA ILE B 80 20.46 0.57 -32.17
C ILE B 80 20.88 -0.89 -32.37
N LYS B 81 19.99 -1.74 -32.89
CA LYS B 81 20.40 -3.12 -33.13
C LYS B 81 21.49 -3.15 -34.23
N GLN B 82 21.24 -2.49 -35.36
CA GLN B 82 22.28 -2.34 -36.42
C GLN B 82 23.67 -1.90 -35.89
N GLU B 83 23.73 -0.88 -35.04
CA GLU B 83 25.08 -0.34 -34.69
C GLU B 83 25.76 -0.99 -33.50
N VAL B 84 24.98 -1.55 -32.59
CA VAL B 84 25.53 -2.03 -31.32
C VAL B 84 25.18 -3.50 -31.11
N GLY B 85 24.13 -3.99 -31.79
CA GLY B 85 23.63 -5.36 -31.63
C GLY B 85 22.95 -5.66 -30.30
N THR B 86 23.69 -5.48 -29.20
CA THR B 86 23.27 -5.82 -27.81
C THR B 86 23.21 -4.61 -26.87
N ILE B 87 22.08 -4.42 -26.22
CA ILE B 87 21.98 -3.54 -25.07
C ILE B 87 21.96 -4.34 -23.78
N HIS B 88 22.12 -3.65 -22.65
CA HIS B 88 21.85 -4.22 -21.38
C HIS B 88 20.72 -3.58 -20.55
N GLY B 89 20.11 -2.52 -21.06
CA GLY B 89 19.06 -1.84 -20.27
C GLY B 89 18.61 -0.50 -20.91
N VAL B 90 17.48 0.03 -20.44
CA VAL B 90 16.97 1.32 -20.89
C VAL B 90 16.56 2.10 -19.67
N ALA B 91 16.93 3.37 -19.62
CA ALA B 91 16.40 4.28 -18.61
C ALA B 91 15.32 5.16 -19.27
N HIS B 92 14.06 4.90 -18.97
CA HIS B 92 12.97 5.70 -19.52
C HIS B 92 12.72 6.88 -18.57
N CYS B 93 13.04 8.11 -18.99
CA CYS B 93 12.83 9.34 -18.15
C CYS B 93 11.96 10.37 -18.88
N ILE B 94 10.72 9.98 -19.15
CA ILE B 94 9.93 10.74 -20.04
C ILE B 94 8.62 11.03 -19.41
N ALA B 95 8.13 12.26 -19.54
CA ALA B 95 6.78 12.58 -19.10
C ALA B 95 6.29 13.77 -19.86
N PHE B 96 4.98 13.88 -20.04
CA PHE B 96 4.39 15.11 -20.58
C PHE B 96 2.89 15.14 -20.34
N ALA B 97 2.41 16.30 -19.97
CA ALA B 97 0.95 16.56 -20.03
C ALA B 97 0.80 17.99 -20.46
N ASN B 98 -0.38 18.37 -20.95
CA ASN B 98 -0.61 19.79 -21.27
C ASN B 98 -0.57 20.57 -19.95
N ARG B 99 0.15 21.69 -19.97
CA ARG B 99 0.43 22.39 -18.74
C ARG B 99 -0.81 22.98 -18.13
N ASP B 100 -1.84 23.28 -18.93
CA ASP B 100 -3.11 23.80 -18.36
C ASP B 100 -3.86 22.74 -17.58
N ASP B 101 -3.52 21.48 -17.80
CA ASP B 101 -4.15 20.45 -17.03
C ASP B 101 -3.44 20.37 -15.67
N LEU B 102 -2.29 21.04 -15.50
CA LEU B 102 -1.58 20.91 -14.23
C LEU B 102 -1.88 22.06 -13.26
N LYS B 103 -3.15 22.43 -13.15
CA LYS B 103 -3.66 23.43 -12.20
C LYS B 103 -5.14 23.16 -12.13
N GLY B 104 -5.83 23.87 -11.23
CA GLY B 104 -7.24 23.72 -11.10
C GLY B 104 -7.57 22.29 -10.72
N GLU B 105 -8.80 21.89 -11.05
CA GLU B 105 -9.31 20.60 -10.64
C GLU B 105 -9.06 19.59 -11.73
N PHE B 106 -8.65 18.42 -11.25
CA PHE B 106 -8.49 17.26 -12.09
C PHE B 106 -9.78 16.95 -12.88
N VAL B 107 -10.95 17.15 -12.26
CA VAL B 107 -12.23 16.84 -12.90
C VAL B 107 -12.46 17.63 -14.23
N ASP B 108 -11.71 18.69 -14.44
CA ASP B 108 -11.88 19.49 -15.64
C ASP B 108 -10.98 19.06 -16.77
N THR B 109 -10.14 18.05 -16.54
CA THR B 109 -9.27 17.49 -17.63
C THR B 109 -10.09 16.98 -18.80
N SER B 110 -9.75 17.47 -19.98
CA SER B 110 -10.42 16.96 -21.21
C SER B 110 -9.90 15.56 -21.56
N ARG B 111 -10.74 14.86 -22.28
CA ARG B 111 -10.43 13.56 -22.78
C ARG B 111 -9.10 13.62 -23.56
N ASP B 112 -8.89 14.59 -24.44
CA ASP B 112 -7.65 14.64 -25.22
C ASP B 112 -6.42 14.81 -24.31
N GLY B 113 -6.56 15.75 -23.40
CA GLY B 113 -5.58 15.96 -22.35
C GLY B 113 -5.23 14.69 -21.58
N PHE B 114 -6.24 13.95 -21.12
CA PHE B 114 -6.00 12.76 -20.35
C PHE B 114 -5.24 11.70 -21.20
N LEU B 115 -5.74 11.47 -22.42
CA LEU B 115 -5.07 10.44 -23.24
C LEU B 115 -3.68 10.84 -23.75
N LEU B 116 -3.43 12.13 -23.96
CA LEU B 116 -2.11 12.56 -24.31
C LEU B 116 -1.15 12.26 -23.11
N ALA B 117 -1.57 12.57 -21.88
CA ALA B 117 -0.67 12.32 -20.72
C ALA B 117 -0.45 10.83 -20.61
N GLN B 118 -1.50 10.01 -20.79
CA GLN B 118 -1.37 8.59 -20.74
C GLN B 118 -0.42 8.03 -21.82
N ASN B 119 -0.53 8.60 -23.01
CA ASN B 119 0.21 8.21 -24.18
C ASN B 119 1.69 8.43 -23.94
N ILE B 120 2.04 9.65 -23.57
CA ILE B 120 3.46 9.93 -23.43
C ILE B 120 4.01 9.50 -22.10
N SER B 121 3.27 9.71 -21.03
CA SER B 121 3.81 9.40 -19.68
C SER B 121 3.78 7.93 -19.22
N ALA B 122 2.83 7.15 -19.68
CA ALA B 122 2.69 5.77 -19.30
C ALA B 122 2.84 4.71 -20.45
N PHE B 123 2.01 4.83 -21.47
CA PHE B 123 2.17 3.90 -22.55
C PHE B 123 3.53 3.86 -23.18
N SER B 124 4.28 4.96 -23.21
CA SER B 124 5.59 4.95 -23.81
C SER B 124 6.54 3.94 -23.14
N LEU B 125 6.32 3.62 -21.87
CA LEU B 125 7.26 2.67 -21.20
C LEU B 125 7.09 1.28 -21.84
N THR B 126 5.85 0.95 -22.14
CA THR B 126 5.47 -0.32 -22.73
C THR B 126 5.99 -0.41 -24.15
N ALA B 127 5.71 0.59 -24.98
CA ALA B 127 6.29 0.60 -26.35
C ALA B 127 7.77 0.55 -26.34
N VAL B 128 8.39 1.27 -25.40
CA VAL B 128 9.87 1.24 -25.33
C VAL B 128 10.32 -0.19 -25.02
N ALA B 129 9.63 -0.80 -24.03
CA ALA B 129 9.98 -2.15 -23.55
C ALA B 129 9.81 -3.16 -24.65
N ARG B 130 8.81 -2.96 -25.48
CA ARG B 130 8.58 -3.92 -26.55
C ARG B 130 9.75 -3.94 -27.52
N GLU B 131 10.28 -2.77 -27.85
CA GLU B 131 11.42 -2.71 -28.76
C GLU B 131 12.69 -3.08 -27.97
N ALA B 132 12.81 -2.70 -26.69
CA ALA B 132 14.04 -3.08 -25.98
C ALA B 132 14.22 -4.57 -25.81
N LYS B 133 13.09 -5.32 -25.77
CA LYS B 133 13.12 -6.74 -25.58
C LYS B 133 13.84 -7.43 -26.80
N LYS B 134 13.59 -6.92 -27.97
CA LYS B 134 14.35 -7.30 -29.16
C LYS B 134 15.87 -7.20 -29.08
N VAL B 135 16.42 -6.15 -28.48
CA VAL B 135 17.90 -5.96 -28.43
C VAL B 135 18.52 -6.30 -27.07
N MET B 136 17.65 -6.55 -26.08
CA MET B 136 18.09 -7.01 -24.77
C MET B 136 18.43 -8.50 -24.79
N THR B 137 19.47 -8.85 -25.55
CA THR B 137 19.64 -10.20 -25.99
C THR B 137 20.18 -11.06 -24.83
N GLU B 138 20.80 -10.39 -23.87
CA GLU B 138 21.39 -11.01 -22.71
C GLU B 138 20.58 -10.64 -21.46
N GLY B 139 19.34 -10.16 -21.66
CA GLY B 139 18.55 -9.67 -20.49
C GLY B 139 19.12 -8.38 -19.90
N GLY B 140 18.65 -8.03 -18.71
CA GLY B 140 19.06 -6.77 -18.07
C GLY B 140 17.89 -6.05 -17.37
N ASN B 141 17.99 -4.73 -17.17
CA ASN B 141 16.98 -3.99 -16.43
C ASN B 141 16.37 -2.85 -17.26
N ILE B 142 15.09 -2.62 -17.12
CA ILE B 142 14.49 -1.43 -17.65
C ILE B 142 14.00 -0.63 -16.49
N LEU B 143 14.42 0.62 -16.42
CA LEU B 143 14.12 1.57 -15.37
C LEU B 143 13.20 2.70 -15.96
N THR B 144 12.23 3.15 -15.17
CA THR B 144 11.63 4.47 -15.37
C THR B 144 11.70 5.33 -14.11
N LEU B 145 11.09 6.51 -14.18
CA LEU B 145 11.09 7.46 -13.11
C LEU B 145 9.69 7.82 -12.85
N THR B 146 9.31 7.76 -11.57
CA THR B 146 7.94 8.10 -11.22
C THR B 146 7.99 9.07 -10.06
N TYR B 147 6.82 9.46 -9.60
CA TYR B 147 6.73 10.43 -8.60
C TYR B 147 5.59 10.08 -7.64
N LEU B 148 5.70 10.52 -6.41
CA LEU B 148 4.73 10.26 -5.36
C LEU B 148 3.29 10.61 -5.68
N GLY B 149 3.09 11.63 -6.54
CA GLY B 149 1.72 11.93 -7.06
C GLY B 149 0.98 10.75 -7.69
N GLY B 150 1.69 9.67 -8.05
CA GLY B 150 1.04 8.50 -8.64
C GLY B 150 0.42 7.63 -7.53
N GLU B 151 0.78 7.89 -6.28
CA GLU B 151 0.35 7.02 -5.20
C GLU B 151 -0.59 7.79 -4.36
N ARG B 152 -0.25 9.04 -4.11
CA ARG B 152 -1.05 9.88 -3.22
C ARG B 152 -1.33 11.17 -3.90
N VAL B 153 -2.38 11.87 -3.49
CA VAL B 153 -2.76 13.15 -4.19
C VAL B 153 -1.77 14.31 -3.98
N VAL B 154 -1.20 14.86 -5.05
CA VAL B 154 -0.31 16.03 -4.94
C VAL B 154 -0.98 17.16 -5.69
N LYS B 155 -1.07 18.29 -5.01
CA LYS B 155 -1.89 19.34 -5.49
C LYS B 155 -1.32 19.83 -6.82
N ASN B 156 -2.25 20.08 -7.74
CA ASN B 156 -1.94 20.37 -9.14
C ASN B 156 -1.30 19.20 -9.98
N TYR B 157 -0.86 18.11 -9.36
CA TYR B 157 -0.20 17.05 -10.18
C TYR B 157 -1.24 16.36 -11.10
N ASN B 158 -2.47 16.27 -10.61
CA ASN B 158 -3.68 16.04 -11.40
C ASN B 158 -3.51 14.92 -12.40
N VAL B 159 -3.50 15.23 -13.71
CA VAL B 159 -3.50 14.21 -14.71
C VAL B 159 -2.18 13.47 -14.76
N MET B 160 -1.07 14.13 -14.44
CA MET B 160 0.23 13.44 -14.35
C MET B 160 0.19 12.43 -13.20
N GLY B 161 -0.57 12.77 -12.14
CA GLY B 161 -0.78 11.88 -11.03
C GLY B 161 -1.40 10.55 -11.52
N VAL B 162 -2.50 10.65 -12.27
CA VAL B 162 -3.12 9.45 -12.82
C VAL B 162 -2.27 8.73 -13.83
N ALA B 163 -1.41 9.47 -14.56
CA ALA B 163 -0.52 8.83 -15.54
C ALA B 163 0.64 8.12 -14.85
N LYS B 164 1.14 8.68 -13.73
CA LYS B 164 2.13 7.96 -12.87
C LYS B 164 1.55 6.67 -12.30
N ALA B 165 0.30 6.68 -11.81
CA ALA B 165 -0.31 5.43 -11.31
C ALA B 165 -0.35 4.37 -12.47
N SER B 166 -0.80 4.80 -13.63
CA SER B 166 -0.80 3.98 -14.77
C SER B 166 0.66 3.46 -15.16
N LEU B 167 1.67 4.31 -15.09
CA LEU B 167 3.06 3.97 -15.26
C LEU B 167 3.52 2.96 -14.27
N GLU B 168 3.15 3.14 -13.01
CA GLU B 168 3.62 2.19 -11.98
C GLU B 168 2.90 0.87 -12.07
N ALA B 169 1.65 0.89 -12.44
CA ALA B 169 0.98 -0.39 -12.66
C ALA B 169 1.68 -1.03 -13.84
N SER B 170 2.16 -0.22 -14.78
CA SER B 170 2.75 -0.74 -16.00
C SER B 170 4.04 -1.51 -15.72
N VAL B 171 4.80 -1.00 -14.75
CA VAL B 171 6.05 -1.59 -14.30
C VAL B 171 5.81 -2.98 -13.75
N LYS B 172 4.70 -3.11 -13.01
CA LYS B 172 4.31 -4.40 -12.48
C LYS B 172 4.04 -5.43 -13.55
N TYR B 173 3.16 -5.06 -14.49
CA TYR B 173 2.76 -5.97 -15.52
C TYR B 173 3.88 -6.34 -16.47
N LEU B 174 4.79 -5.39 -16.74
CA LEU B 174 5.90 -5.61 -17.59
C LEU B 174 6.91 -6.50 -16.87
N ALA B 175 7.14 -6.27 -15.55
CA ALA B 175 8.04 -7.17 -14.78
C ALA B 175 7.54 -8.61 -14.83
N ASN B 176 6.23 -8.77 -14.77
CA ASN B 176 5.61 -10.08 -14.82
C ASN B 176 5.85 -10.69 -16.19
N ASP B 177 5.78 -9.89 -17.25
CA ASP B 177 6.00 -10.39 -18.61
C ASP B 177 7.45 -10.83 -18.79
N LEU B 178 8.38 -9.98 -18.36
CA LEU B 178 9.70 -9.93 -18.96
C LEU B 178 10.72 -10.70 -18.13
N GLY B 179 10.33 -11.05 -16.92
CA GLY B 179 11.17 -11.87 -16.06
C GLY B 179 11.65 -13.14 -16.73
N GLN B 180 10.72 -13.83 -17.40
CA GLN B 180 11.03 -15.07 -18.02
C GLN B 180 11.87 -14.86 -19.28
N HIS B 181 12.14 -13.62 -19.68
CA HIS B 181 13.02 -13.32 -20.80
C HIS B 181 14.23 -12.72 -20.21
N GLY B 182 14.44 -12.92 -18.91
CA GLY B 182 15.68 -12.46 -18.27
C GLY B 182 15.74 -10.96 -18.06
N ILE B 183 14.57 -10.30 -18.10
CA ILE B 183 14.59 -8.85 -18.00
C ILE B 183 13.80 -8.35 -16.78
N ARG B 184 14.44 -7.51 -15.97
CA ARG B 184 13.78 -6.93 -14.83
C ARG B 184 13.25 -5.51 -15.20
N VAL B 185 12.18 -5.06 -14.50
CA VAL B 185 11.56 -3.73 -14.74
C VAL B 185 11.24 -3.15 -13.37
N ASN B 186 11.77 -1.96 -13.17
CA ASN B 186 11.76 -1.31 -11.88
C ASN B 186 11.59 0.20 -12.08
N ALA B 187 11.04 0.86 -11.08
CA ALA B 187 10.87 2.32 -11.07
C ALA B 187 11.68 2.93 -9.95
N ILE B 188 12.19 4.13 -10.18
CA ILE B 188 12.64 5.02 -9.10
C ILE B 188 11.61 6.15 -8.85
N SER B 189 11.20 6.34 -7.61
CA SER B 189 10.23 7.45 -7.33
C SER B 189 11.09 8.52 -6.74
N ALA B 190 11.44 9.55 -7.53
CA ALA B 190 12.40 10.56 -7.03
C ALA B 190 11.63 11.62 -6.28
N GLY B 191 12.24 12.22 -5.25
CA GLY B 191 11.59 13.43 -4.69
C GLY B 191 11.73 14.60 -5.70
N PRO B 192 11.09 15.74 -5.41
CA PRO B 192 11.00 16.89 -6.33
C PRO B 192 12.39 17.43 -6.66
N ILE B 193 12.64 17.76 -7.91
CA ILE B 193 13.94 18.30 -8.26
C ILE B 193 13.71 19.42 -9.27
N ARG B 194 14.46 20.51 -9.11
CA ARG B 194 14.35 21.60 -10.06
C ARG B 194 14.89 21.22 -11.46
N THR B 195 14.00 21.04 -12.44
CA THR B 195 14.39 20.63 -13.78
C THR B 195 13.46 21.39 -14.73
N LEU B 196 13.62 21.21 -16.05
CA LEU B 196 12.56 21.72 -16.95
C LEU B 196 11.14 21.28 -16.59
N SER B 197 10.91 20.03 -16.18
CA SER B 197 9.53 19.63 -15.83
C SER B 197 9.11 20.16 -14.44
N ALA B 198 9.98 20.94 -13.79
CA ALA B 198 9.50 21.81 -12.67
C ALA B 198 9.04 23.21 -13.10
N LYS B 199 9.20 23.58 -14.37
CA LYS B 199 8.81 24.90 -14.89
C LYS B 199 7.32 25.20 -14.75
N GLY B 200 7.01 26.24 -13.97
CA GLY B 200 5.63 26.71 -13.88
C GLY B 200 4.91 26.11 -12.68
N VAL B 201 5.58 25.27 -11.92
CA VAL B 201 4.86 24.68 -10.83
C VAL B 201 4.67 25.70 -9.67
N GLY B 202 3.40 25.78 -9.25
CA GLY B 202 2.94 26.34 -7.97
C GLY B 202 3.94 26.30 -6.83
N ASP B 203 4.65 27.40 -6.72
CA ASP B 203 5.79 27.55 -5.83
C ASP B 203 6.63 26.35 -5.46
N PHE B 204 7.42 25.97 -6.44
CA PHE B 204 8.38 24.94 -6.28
C PHE B 204 9.33 25.18 -5.12
N ASN B 205 9.77 26.43 -4.94
CA ASN B 205 10.58 26.80 -3.77
C ASN B 205 10.03 26.39 -2.43
N SER B 206 8.73 26.57 -2.25
CA SER B 206 8.05 26.11 -1.04
C SER B 206 8.05 24.63 -0.94
N ILE B 207 7.85 23.98 -2.07
CA ILE B 207 7.85 22.53 -2.06
C ILE B 207 9.27 22.13 -1.57
N LEU B 208 10.32 22.70 -2.17
CA LEU B 208 11.71 22.37 -1.78
C LEU B 208 11.99 22.59 -0.33
N ARG B 209 11.39 23.65 0.26
CA ARG B 209 11.54 23.91 1.71
C ARG B 209 10.82 22.85 2.57
N GLU B 210 9.59 22.48 2.23
CA GLU B 210 8.88 21.44 2.98
C GLU B 210 9.81 20.22 3.09
N ILE B 211 10.31 19.76 1.95
CA ILE B 211 11.24 18.62 1.96
C ILE B 211 12.48 18.81 2.86
N GLU B 212 13.17 19.92 2.69
CA GLU B 212 14.38 20.21 3.43
C GLU B 212 14.12 20.16 4.95
N GLU B 213 12.96 20.58 5.37
CA GLU B 213 12.76 20.65 6.81
C GLU B 213 12.04 19.46 7.37
N ARG B 214 11.24 18.79 6.57
CA ARG B 214 10.47 17.71 7.12
C ARG B 214 10.94 16.30 6.67
N ALA B 215 11.68 16.21 5.56
CA ALA B 215 12.09 14.87 5.07
C ALA B 215 13.04 14.18 6.11
N PRO B 216 12.87 12.88 6.32
CA PRO B 216 13.77 12.21 7.30
C PRO B 216 15.20 12.69 7.17
N LEU B 217 15.71 12.77 5.94
CA LEU B 217 17.08 13.23 5.71
C LEU B 217 17.39 14.73 5.70
N ARG B 218 16.36 15.57 5.79
CA ARG B 218 16.51 17.02 5.91
C ARG B 218 17.33 17.63 4.77
N ARG B 219 17.05 17.14 3.57
CA ARG B 219 17.65 17.73 2.39
C ARG B 219 16.87 17.30 1.15
N THR B 220 17.05 18.04 0.06
CA THR B 220 16.36 17.72 -1.17
C THR B 220 17.17 16.68 -1.96
N THR B 221 16.48 16.00 -2.88
CA THR B 221 17.02 14.93 -3.68
C THR B 221 17.89 15.50 -4.78
N THR B 222 18.99 14.81 -5.11
CA THR B 222 19.81 15.22 -6.26
C THR B 222 19.62 14.28 -7.45
N GLN B 223 19.84 14.80 -8.66
CA GLN B 223 19.94 13.95 -9.88
C GLN B 223 21.04 12.87 -9.73
N GLU B 224 22.10 13.20 -9.01
CA GLU B 224 23.15 12.20 -8.77
C GLU B 224 22.66 11.03 -7.83
N GLU B 225 21.79 11.36 -6.89
CA GLU B 225 21.23 10.33 -5.96
C GLU B 225 20.34 9.35 -6.70
N VAL B 226 19.60 9.86 -7.66
CA VAL B 226 18.74 9.01 -8.44
C VAL B 226 19.62 8.22 -9.34
N GLY B 227 20.67 8.86 -9.90
CA GLY B 227 21.56 8.18 -10.84
C GLY B 227 22.34 7.01 -10.19
N ASP B 228 22.66 7.13 -8.91
CA ASP B 228 23.43 6.03 -8.24
C ASP B 228 22.50 4.88 -7.85
N THR B 229 21.22 5.15 -7.75
CA THR B 229 20.28 4.09 -7.41
C THR B 229 19.95 3.37 -8.70
N ALA B 230 19.97 4.14 -9.81
CA ALA B 230 19.79 3.56 -11.13
C ALA B 230 20.98 2.63 -11.43
N VAL B 231 22.20 3.03 -11.08
CA VAL B 231 23.38 2.11 -11.21
C VAL B 231 23.14 0.73 -10.56
N PHE B 232 22.79 0.75 -9.27
CA PHE B 232 22.36 -0.45 -8.58
C PHE B 232 21.36 -1.23 -9.39
N LEU B 233 20.28 -0.57 -9.77
CA LEU B 233 19.20 -1.31 -10.43
C LEU B 233 19.56 -1.89 -11.76
N PHE B 234 20.53 -1.28 -12.47
CA PHE B 234 21.02 -1.85 -13.72
C PHE B 234 22.11 -2.90 -13.46
N SER B 235 22.79 -2.83 -12.30
CA SER B 235 23.93 -3.74 -11.96
C SER B 235 23.40 -5.10 -11.58
N ASP B 236 24.30 -6.06 -11.44
CA ASP B 236 23.99 -7.45 -11.11
C ASP B 236 23.68 -7.60 -9.57
N LEU B 237 24.04 -6.61 -8.75
CA LEU B 237 23.58 -6.47 -7.37
C LEU B 237 22.05 -6.61 -7.22
N ALA B 238 21.32 -6.18 -8.26
CA ALA B 238 19.87 -6.10 -8.23
C ALA B 238 19.24 -7.22 -8.96
N ARG B 239 19.95 -8.33 -9.12
CA ARG B 239 19.39 -9.36 -9.93
C ARG B 239 18.17 -10.00 -9.28
N GLY B 240 18.00 -9.91 -7.94
CA GLY B 240 16.77 -10.52 -7.40
C GLY B 240 15.62 -9.51 -7.37
N VAL B 241 15.82 -8.29 -7.90
CA VAL B 241 14.90 -7.18 -7.66
C VAL B 241 14.21 -6.80 -8.97
N THR B 242 12.92 -7.07 -9.05
CA THR B 242 12.12 -6.65 -10.15
C THR B 242 10.67 -6.30 -9.64
N GLY B 243 9.99 -5.47 -10.43
CA GLY B 243 8.63 -4.96 -10.14
C GLY B 243 8.63 -4.06 -8.91
N GLU B 244 9.76 -3.44 -8.63
CA GLU B 244 9.96 -2.66 -7.43
C GLU B 244 9.96 -1.12 -7.74
N ASN B 245 9.69 -0.32 -6.74
CA ASN B 245 9.64 1.12 -6.83
C ASN B 245 10.40 1.59 -5.63
N ILE B 246 11.64 2.03 -5.84
CA ILE B 246 12.52 2.53 -4.79
C ILE B 246 12.39 4.02 -4.66
N HIS B 247 11.98 4.47 -3.48
CA HIS B 247 11.80 5.88 -3.30
C HIS B 247 13.14 6.53 -2.99
N VAL B 248 13.60 7.41 -3.91
CA VAL B 248 14.82 8.22 -3.65
C VAL B 248 14.40 9.69 -3.39
N ASP B 249 13.88 9.96 -2.18
CA ASP B 249 13.18 11.22 -1.90
C ASP B 249 13.45 11.67 -0.45
N SER B 250 14.60 11.26 0.06
CA SER B 250 15.06 11.54 1.40
C SER B 250 14.16 11.00 2.42
N GLY B 251 13.53 9.88 2.11
CA GLY B 251 12.55 9.23 3.01
C GLY B 251 11.24 10.00 3.17
N TYR B 252 11.01 10.99 2.31
CA TYR B 252 9.79 11.84 2.45
C TYR B 252 8.48 11.03 2.41
N HIS B 253 8.44 10.04 1.52
CA HIS B 253 7.24 9.16 1.29
C HIS B 253 6.71 8.46 2.54
N ILE B 254 7.51 8.30 3.60
CA ILE B 254 7.01 7.68 4.85
C ILE B 254 6.10 8.59 5.68
N LEU B 255 6.17 9.90 5.45
CA LEU B 255 5.55 10.85 6.36
C LEU B 255 4.06 10.84 6.17
N GLY B 256 3.31 10.88 7.30
CA GLY B 256 1.85 11.11 7.28
C GLY B 256 1.59 12.59 7.53
N LEU B 257 0.63 12.89 8.44
CA LEU B 257 0.45 14.19 9.18
C LEU B 257 -0.86 14.24 10.05
N GLU C 2 -33.82 -0.64 12.86
CA GLU C 2 -34.06 -1.61 11.76
C GLU C 2 -32.81 -2.43 11.44
N LEU C 3 -31.73 -1.77 11.04
CA LEU C 3 -30.58 -2.45 10.44
C LEU C 3 -29.95 -3.51 11.32
N LEU C 4 -29.86 -3.28 12.63
CA LEU C 4 -29.23 -4.24 13.53
C LEU C 4 -30.24 -4.84 14.50
N GLN C 5 -31.53 -4.71 14.15
CA GLN C 5 -32.69 -5.26 14.87
C GLN C 5 -32.38 -6.64 15.45
N GLY C 6 -32.57 -6.80 16.75
CA GLY C 6 -32.33 -8.06 17.41
C GLY C 6 -30.90 -8.63 17.50
N LYS C 7 -29.88 -7.79 17.37
CA LYS C 7 -28.51 -8.26 17.52
C LYS C 7 -27.92 -7.62 18.76
N THR C 8 -26.90 -8.25 19.33
CA THR C 8 -26.29 -7.66 20.48
C THR C 8 -24.81 -7.45 20.25
N PHE C 9 -24.27 -6.31 20.68
CA PHE C 9 -22.85 -6.07 20.46
C PHE C 9 -22.19 -5.67 21.73
N VAL C 10 -20.97 -6.18 21.94
CA VAL C 10 -20.09 -5.73 22.98
C VAL C 10 -19.30 -4.50 22.55
N VAL C 11 -19.47 -3.41 23.26
CA VAL C 11 -18.68 -2.24 22.96
C VAL C 11 -17.59 -2.05 24.03
N MET C 12 -16.32 -2.10 23.66
CA MET C 12 -15.23 -1.92 24.63
C MET C 12 -14.50 -0.61 24.44
N GLY C 13 -14.34 0.15 25.51
CA GLY C 13 -13.52 1.36 25.47
C GLY C 13 -14.18 2.67 25.77
N VAL C 14 -15.46 2.67 26.12
CA VAL C 14 -16.08 3.92 26.54
C VAL C 14 -15.35 4.45 27.80
N ALA C 15 -14.91 5.68 27.79
CA ALA C 15 -14.25 6.27 28.98
C ALA C 15 -15.03 7.49 29.40
N ASN C 16 -15.56 8.25 28.45
CA ASN C 16 -16.35 9.46 28.75
C ASN C 16 -17.23 9.65 27.50
N GLN C 17 -18.07 10.68 27.50
CA GLN C 17 -19.07 10.88 26.49
C GLN C 17 -18.45 11.23 25.08
N ARG C 18 -17.21 11.70 25.08
CA ARG C 18 -16.51 11.98 23.84
C ARG C 18 -15.78 10.76 23.26
N SER C 19 -15.81 9.63 23.97
CA SER C 19 -15.14 8.43 23.49
C SER C 19 -15.68 7.99 22.14
N ILE C 20 -14.78 7.54 21.25
CA ILE C 20 -15.21 7.04 19.93
C ILE C 20 -16.14 5.90 20.22
N ALA C 21 -15.79 5.09 21.21
CA ALA C 21 -16.64 3.94 21.52
C ALA C 21 -18.06 4.34 21.90
N TRP C 22 -18.25 5.55 22.41
CA TRP C 22 -19.56 6.00 22.81
C TRP C 22 -20.30 6.44 21.57
N GLY C 23 -19.59 7.07 20.61
CA GLY C 23 -20.17 7.35 19.29
C GLY C 23 -20.70 6.10 18.60
N ILE C 24 -19.96 5.00 18.68
CA ILE C 24 -20.36 3.72 18.10
C ILE C 24 -21.58 3.12 18.81
N ALA C 25 -21.60 3.18 20.14
CA ALA C 25 -22.78 2.65 20.91
C ALA C 25 -24.03 3.41 20.48
N ARG C 26 -23.94 4.72 20.29
CA ARG C 26 -25.17 5.45 19.91
C ARG C 26 -25.61 4.93 18.56
N SER C 27 -24.68 4.80 17.62
CA SER C 27 -25.11 4.44 16.29
C SER C 27 -25.70 3.02 16.33
N LEU C 28 -25.05 2.10 17.03
CA LEU C 28 -25.52 0.76 17.05
C LEU C 28 -26.91 0.73 17.66
N HIS C 29 -27.10 1.55 18.68
CA HIS C 29 -28.37 1.56 19.39
C HIS C 29 -29.42 2.16 18.49
N ASN C 30 -29.09 3.22 17.76
CA ASN C 30 -30.10 3.84 16.89
C ASN C 30 -30.48 2.88 15.77
N ALA C 31 -29.64 1.88 15.52
CA ALA C 31 -29.93 0.92 14.46
C ALA C 31 -30.61 -0.32 15.00
N GLY C 32 -31.08 -0.29 16.25
CA GLY C 32 -31.79 -1.41 16.87
C GLY C 32 -31.01 -2.41 17.72
N ALA C 33 -29.72 -2.20 17.93
CA ALA C 33 -28.96 -3.19 18.64
C ALA C 33 -29.16 -3.11 20.17
N LYS C 34 -28.94 -4.24 20.82
CA LYS C 34 -28.81 -4.25 22.26
C LYS C 34 -27.31 -4.22 22.47
N LEU C 35 -26.89 -3.59 23.57
CA LEU C 35 -25.49 -3.38 23.80
C LEU C 35 -24.98 -3.85 25.18
N ILE C 36 -23.75 -4.36 25.20
CA ILE C 36 -23.07 -4.72 26.42
C ILE C 36 -21.82 -3.88 26.48
N PHE C 37 -21.46 -3.35 27.65
CA PHE C 37 -20.34 -2.45 27.75
C PHE C 37 -19.26 -3.00 28.66
N THR C 38 -17.99 -2.75 28.34
CA THR C 38 -16.93 -3.19 29.24
C THR C 38 -16.17 -1.95 29.66
N TYR C 39 -15.36 -2.02 30.71
CA TYR C 39 -14.57 -0.84 31.12
C TYR C 39 -13.45 -1.46 31.90
N ALA C 40 -12.32 -0.78 32.11
CA ALA C 40 -11.37 -1.31 33.12
C ALA C 40 -11.17 -0.45 34.33
N GLY C 41 -11.50 -0.99 35.49
CA GLY C 41 -11.20 -0.34 36.77
C GLY C 41 -12.26 0.67 37.17
N GLU C 42 -12.38 0.87 38.48
CA GLU C 42 -13.39 1.75 39.10
C GLU C 42 -13.33 3.22 38.71
N ARG C 43 -12.14 3.69 38.34
CA ARG C 43 -11.91 5.09 37.95
C ARG C 43 -13.01 5.62 37.01
N LEU C 44 -13.65 4.71 36.29
CA LEU C 44 -14.67 5.05 35.34
C LEU C 44 -15.85 4.08 35.29
N GLU C 45 -16.04 3.22 36.30
CA GLU C 45 -17.26 2.39 36.29
C GLU C 45 -18.53 3.24 36.24
N ARG C 46 -18.55 4.33 36.98
CA ARG C 46 -19.79 5.13 37.05
C ARG C 46 -20.05 5.81 35.72
N ASN C 47 -19.00 6.38 35.13
CA ASN C 47 -19.11 7.04 33.85
C ASN C 47 -19.81 6.18 32.80
N VAL C 48 -19.32 4.96 32.65
CA VAL C 48 -19.89 4.06 31.67
C VAL C 48 -21.31 3.67 32.07
N ARG C 49 -21.53 3.52 33.38
CA ARG C 49 -22.85 3.14 33.88
C ARG C 49 -23.83 4.28 33.58
N GLU C 50 -23.45 5.49 33.99
CA GLU C 50 -24.22 6.69 33.74
C GLU C 50 -24.55 6.82 32.28
N LEU C 51 -23.54 6.60 31.41
CA LEU C 51 -23.76 6.78 29.99
C LEU C 51 -24.71 5.72 29.48
N ALA C 52 -24.45 4.46 29.80
CA ALA C 52 -25.29 3.32 29.41
C ALA C 52 -26.72 3.49 29.85
N ASP C 53 -26.90 4.15 31.00
CA ASP C 53 -28.22 4.45 31.53
C ASP C 53 -28.94 5.56 30.75
N THR C 54 -28.19 6.42 30.06
CA THR C 54 -28.88 7.47 29.29
C THR C 54 -29.62 6.85 28.13
N LEU C 55 -29.37 5.58 27.83
CA LEU C 55 -29.92 5.02 26.62
C LEU C 55 -31.38 4.52 26.77
N GLU C 56 -32.17 4.88 25.77
CA GLU C 56 -33.64 4.87 25.83
C GLU C 56 -34.34 3.52 25.72
N GLY C 57 -33.62 2.44 25.38
CA GLY C 57 -34.24 1.10 25.38
C GLY C 57 -34.33 0.79 26.85
N GLN C 58 -34.22 -0.48 27.24
CA GLN C 58 -33.59 -0.69 28.53
C GLN C 58 -32.74 -1.91 28.86
N GLU C 59 -31.51 -1.51 29.12
CA GLU C 59 -30.70 -1.87 30.30
C GLU C 59 -29.58 -2.86 30.12
N SER C 60 -28.42 -2.26 30.05
CA SER C 60 -27.23 -2.85 29.52
C SER C 60 -26.35 -3.37 30.62
N LEU C 61 -25.83 -4.60 30.43
CA LEU C 61 -24.77 -5.12 31.25
C LEU C 61 -23.60 -4.20 31.05
N VAL C 62 -22.92 -3.89 32.16
CA VAL C 62 -21.69 -3.13 32.16
C VAL C 62 -20.68 -3.96 32.94
N LEU C 63 -19.78 -4.63 32.22
CA LEU C 63 -18.88 -5.57 32.85
C LEU C 63 -17.44 -5.08 32.88
N PRO C 64 -16.67 -5.50 33.92
CA PRO C 64 -15.28 -5.11 34.03
C PRO C 64 -14.44 -5.96 33.08
N CYS C 65 -13.51 -5.34 32.33
CA CYS C 65 -12.62 -6.04 31.37
C CYS C 65 -11.33 -5.28 31.07
N ASP C 66 -10.32 -5.45 31.95
CA ASP C 66 -9.00 -4.87 31.77
C ASP C 66 -8.22 -5.82 30.89
N VAL C 67 -7.99 -5.46 29.62
CA VAL C 67 -7.46 -6.46 28.64
C VAL C 67 -6.03 -6.97 28.99
N THR C 68 -5.45 -6.40 30.00
CA THR C 68 -4.17 -6.78 30.51
C THR C 68 -4.29 -8.11 31.29
N ASN C 69 -5.52 -8.45 31.69
CA ASN C 69 -5.83 -9.53 32.64
C ASN C 69 -6.50 -10.70 32.00
N ASP C 70 -5.75 -11.76 31.78
CA ASP C 70 -6.34 -12.92 31.14
C ASP C 70 -7.59 -13.49 31.88
N GLU C 71 -7.50 -13.54 33.22
CA GLU C 71 -8.59 -14.17 34.01
C GLU C 71 -9.81 -13.28 33.94
N GLU C 72 -9.61 -11.97 34.04
CA GLU C 72 -10.69 -11.02 33.85
C GLU C 72 -11.30 -10.97 32.43
N LEU C 73 -10.50 -11.21 31.37
CA LEU C 73 -11.06 -11.15 30.00
C LEU C 73 -12.02 -12.31 29.82
N THR C 74 -11.47 -13.49 30.10
CA THR C 74 -12.18 -14.75 30.08
C THR C 74 -13.47 -14.66 30.88
N ALA C 75 -13.40 -14.06 32.08
CA ALA C 75 -14.58 -14.03 32.95
C ALA C 75 -15.62 -13.13 32.33
N CYS C 76 -15.20 -12.00 31.78
CA CYS C 76 -16.13 -11.08 31.19
C CYS C 76 -16.90 -11.76 30.05
N PHE C 77 -16.18 -12.46 29.17
CA PHE C 77 -16.83 -13.19 28.09
C PHE C 77 -17.59 -14.46 28.53
N GLU C 78 -17.13 -15.07 29.62
CA GLU C 78 -17.87 -16.15 30.31
C GLU C 78 -19.19 -15.63 30.90
N THR C 79 -19.12 -14.52 31.63
CA THR C 79 -20.35 -13.88 32.11
C THR C 79 -21.30 -13.58 30.95
N ILE C 80 -20.77 -13.09 29.82
CA ILE C 80 -21.61 -12.81 28.67
C ILE C 80 -22.19 -14.12 28.15
N LYS C 81 -21.40 -15.19 28.12
CA LYS C 81 -21.91 -16.47 27.63
C LYS C 81 -23.19 -16.85 28.41
N GLN C 82 -23.11 -16.80 29.73
CA GLN C 82 -24.17 -17.28 30.60
C GLN C 82 -25.35 -16.33 30.60
N GLU C 83 -25.08 -15.03 30.54
CA GLU C 83 -26.17 -14.09 30.74
C GLU C 83 -26.88 -13.61 29.48
N VAL C 84 -26.19 -13.59 28.34
CA VAL C 84 -26.89 -13.17 27.14
C VAL C 84 -27.07 -14.30 26.14
N GLY C 85 -26.11 -15.20 26.06
CA GLY C 85 -26.19 -16.29 25.12
C GLY C 85 -25.33 -16.07 23.90
N THR C 86 -25.93 -15.40 22.91
CA THR C 86 -25.28 -15.20 21.62
C THR C 86 -25.02 -13.73 21.37
N ILE C 87 -23.86 -13.47 20.80
CA ILE C 87 -23.47 -12.13 20.47
C ILE C 87 -23.10 -12.09 19.02
N HIS C 88 -23.29 -10.92 18.44
CA HIS C 88 -23.10 -10.81 17.01
C HIS C 88 -21.93 -9.94 16.61
N GLY C 89 -21.13 -9.49 17.56
CA GLY C 89 -20.09 -8.49 17.27
C GLY C 89 -19.49 -7.80 18.48
N VAL C 90 -18.27 -7.32 18.32
CA VAL C 90 -17.55 -6.60 19.36
C VAL C 90 -16.85 -5.38 18.72
N ALA C 91 -16.93 -4.21 19.35
CA ALA C 91 -16.11 -3.04 18.96
C ALA C 91 -14.99 -2.84 19.97
N HIS C 92 -13.76 -3.04 19.52
CA HIS C 92 -12.61 -2.93 20.32
C HIS C 92 -12.14 -1.52 20.07
N CYS C 93 -12.34 -0.63 21.04
CA CYS C 93 -11.85 0.75 20.92
C CYS C 93 -10.90 1.04 22.04
N ILE C 94 -9.83 0.26 22.10
CA ILE C 94 -8.84 0.37 23.21
C ILE C 94 -7.41 0.65 22.78
N ALA C 95 -6.72 1.61 23.41
CA ALA C 95 -5.33 1.80 23.16
C ALA C 95 -4.65 2.41 24.35
N PHE C 96 -3.35 2.11 24.52
CA PHE C 96 -2.61 2.77 25.57
C PHE C 96 -1.12 2.64 25.39
N ALA C 97 -0.40 3.68 25.75
CA ALA C 97 1.05 3.68 25.75
C ALA C 97 1.44 4.65 26.83
N ASN C 98 2.61 4.47 27.43
CA ASN C 98 3.10 5.48 28.37
C ASN C 98 3.32 6.82 27.67
N ARG C 99 2.74 7.87 28.23
CA ARG C 99 2.79 9.18 27.58
C ARG C 99 4.17 9.76 27.41
N ASP C 100 5.10 9.38 28.26
CA ASP C 100 6.49 9.77 28.04
C ASP C 100 7.03 9.25 26.70
N ASP C 101 6.45 8.20 26.16
CA ASP C 101 6.85 7.73 24.86
C ASP C 101 6.20 8.42 23.66
N LEU C 102 5.17 9.23 23.88
CA LEU C 102 4.52 9.95 22.80
C LEU C 102 5.11 11.35 22.64
N LYS C 103 6.44 11.45 22.72
CA LYS C 103 7.21 12.68 22.43
C LYS C 103 8.69 12.29 22.12
N GLY C 104 9.52 13.22 21.63
CA GLY C 104 10.91 12.87 21.36
C GLY C 104 11.09 11.81 20.25
N GLU C 105 12.29 11.23 20.20
CA GLU C 105 12.62 10.20 19.22
C GLU C 105 12.03 8.82 19.61
N PHE C 106 11.48 8.11 18.62
CA PHE C 106 10.94 6.76 18.85
C PHE C 106 12.05 5.80 19.28
N VAL C 107 13.28 6.06 18.84
CA VAL C 107 14.42 5.17 19.10
C VAL C 107 14.78 5.09 20.60
N ASP C 108 14.34 6.07 21.38
CA ASP C 108 14.62 6.11 22.80
C ASP C 108 13.50 5.42 23.55
N THR C 109 12.63 4.65 22.89
CA THR C 109 11.56 3.96 23.60
C THR C 109 12.07 2.77 24.45
N SER C 110 11.61 2.67 25.71
CA SER C 110 12.08 1.58 26.57
C SER C 110 11.42 0.29 26.11
N ARG C 111 12.19 -0.78 26.25
CA ARG C 111 11.68 -2.14 26.21
C ARG C 111 10.26 -2.11 26.69
N ASP C 112 10.06 -1.98 27.99
CA ASP C 112 8.72 -2.29 28.50
C ASP C 112 7.70 -1.23 28.09
N GLY C 113 8.19 -0.04 27.75
CA GLY C 113 7.28 0.95 27.12
C GLY C 113 6.72 0.33 25.83
N PHE C 114 7.65 -0.26 25.07
CA PHE C 114 7.31 -0.84 23.79
C PHE C 114 6.31 -1.96 23.99
N LEU C 115 6.61 -2.88 24.89
CA LEU C 115 5.76 -4.09 25.00
C LEU C 115 4.41 -3.80 25.68
N LEU C 116 4.40 -2.75 26.50
CA LEU C 116 3.16 -2.31 27.14
C LEU C 116 2.19 -1.85 26.03
N ALA C 117 2.62 -0.90 25.20
CA ALA C 117 1.76 -0.44 24.04
C ALA C 117 1.31 -1.61 23.20
N GLN C 118 2.23 -2.47 22.88
CA GLN C 118 1.92 -3.66 22.08
C GLN C 118 0.83 -4.53 22.72
N ASN C 119 1.04 -4.79 24.02
CA ASN C 119 0.14 -5.62 24.82
C ASN C 119 -1.29 -5.05 24.88
N ILE C 120 -1.44 -3.77 25.26
CA ILE C 120 -2.77 -3.12 25.37
C ILE C 120 -3.38 -2.79 24.00
N SER C 121 -2.59 -2.17 23.13
CA SER C 121 -3.11 -1.58 21.92
C SER C 121 -3.19 -2.55 20.73
N ALA C 122 -2.38 -3.61 20.75
CA ALA C 122 -2.47 -4.59 19.71
C ALA C 122 -2.94 -5.99 20.07
N PHE C 123 -2.23 -6.65 21.02
CA PHE C 123 -2.57 -8.04 21.40
C PHE C 123 -4.00 -8.20 21.89
N SER C 124 -4.50 -7.18 22.62
CA SER C 124 -5.84 -7.23 23.19
C SER C 124 -6.88 -7.61 22.19
N LEU C 125 -6.70 -7.18 20.94
CA LEU C 125 -7.70 -7.53 19.88
C LEU C 125 -7.79 -9.04 19.75
N THR C 126 -6.62 -9.69 19.73
CA THR C 126 -6.56 -11.11 19.50
C THR C 126 -7.10 -11.79 20.74
N ALA C 127 -6.63 -11.33 21.91
CA ALA C 127 -7.18 -11.87 23.16
C ALA C 127 -8.71 -11.71 23.12
N VAL C 128 -9.21 -10.54 22.79
CA VAL C 128 -10.66 -10.38 22.85
C VAL C 128 -11.29 -11.27 21.85
N ALA C 129 -10.65 -11.42 20.69
CA ALA C 129 -11.28 -12.21 19.61
C ALA C 129 -11.35 -13.67 19.93
N ARG C 130 -10.37 -14.25 20.62
CA ARG C 130 -10.53 -15.67 20.92
C ARG C 130 -11.65 -15.98 21.94
N GLU C 131 -11.85 -15.11 22.92
CA GLU C 131 -13.18 -15.11 23.60
C GLU C 131 -14.04 -14.44 22.54
N ALA C 132 -15.34 -14.54 22.59
CA ALA C 132 -16.10 -13.86 21.50
C ALA C 132 -16.32 -14.85 20.40
N LYS C 133 -15.23 -15.47 19.95
CA LYS C 133 -15.27 -16.60 19.03
C LYS C 133 -16.23 -17.61 19.66
N LYS C 134 -16.05 -17.78 20.98
CA LYS C 134 -16.82 -18.68 21.80
C LYS C 134 -18.29 -18.31 21.87
N VAL C 135 -18.65 -17.08 21.56
CA VAL C 135 -20.00 -16.59 21.82
C VAL C 135 -20.73 -16.06 20.54
N MET C 136 -19.98 -16.03 19.43
CA MET C 136 -20.47 -15.57 18.14
C MET C 136 -20.88 -16.75 17.27
N THR C 137 -21.76 -17.59 17.78
CA THR C 137 -22.13 -18.84 17.13
C THR C 137 -22.91 -18.67 15.85
N GLU C 138 -23.50 -17.48 15.64
CA GLU C 138 -24.13 -17.13 14.37
C GLU C 138 -23.13 -16.31 13.47
N GLY C 139 -21.85 -16.26 13.84
CA GLY C 139 -20.93 -15.34 13.19
C GLY C 139 -21.25 -13.85 13.38
N GLY C 140 -20.69 -13.01 12.51
CA GLY C 140 -20.78 -11.55 12.70
C GLY C 140 -19.46 -10.83 12.52
N ASN C 141 -19.25 -9.74 13.24
CA ASN C 141 -18.11 -8.84 12.98
C ASN C 141 -17.36 -8.36 14.20
N ILE C 142 -16.04 -8.28 14.10
CA ILE C 142 -15.24 -7.73 15.12
C ILE C 142 -14.54 -6.53 14.54
N LEU C 143 -14.66 -5.42 15.23
CA LEU C 143 -14.24 -4.18 14.71
C LEU C 143 -13.23 -3.68 15.66
N THR C 144 -12.17 -3.04 15.12
CA THR C 144 -11.22 -2.29 15.95
C THR C 144 -10.99 -0.90 15.37
N LEU C 145 -10.56 0.03 16.19
CA LEU C 145 -10.22 1.37 15.76
C LEU C 145 -8.72 1.55 15.54
N THR C 146 -8.36 2.01 14.33
CA THR C 146 -6.96 2.34 14.07
C THR C 146 -6.72 3.81 13.68
N TYR C 147 -5.46 4.16 13.53
CA TYR C 147 -5.14 5.51 13.15
C TYR C 147 -4.09 5.48 12.04
N LEU C 148 -4.15 6.48 11.17
CA LEU C 148 -3.16 6.58 10.07
C LEU C 148 -1.65 6.41 10.45
N GLY C 149 -1.27 6.75 11.69
CA GLY C 149 0.11 6.66 12.14
C GLY C 149 0.60 5.23 12.19
N GLY C 150 -0.29 4.24 12.08
CA GLY C 150 0.17 2.88 11.90
C GLY C 150 0.54 2.58 10.43
N GLU C 151 0.24 3.49 9.48
CA GLU C 151 0.63 3.29 8.07
C GLU C 151 1.78 4.22 7.66
N ARG C 152 1.81 5.41 8.23
CA ARG C 152 2.83 6.39 7.85
C ARG C 152 3.22 7.14 9.13
N VAL C 153 4.36 7.82 9.06
CA VAL C 153 4.92 8.42 10.24
C VAL C 153 4.17 9.70 10.65
N VAL C 154 3.62 9.69 11.86
CA VAL C 154 2.93 10.84 12.39
C VAL C 154 3.76 11.37 13.55
N LYS C 155 4.07 12.68 13.54
CA LYS C 155 4.96 13.27 14.55
C LYS C 155 4.45 12.94 15.97
N ASN C 156 5.39 12.46 16.80
CA ASN C 156 5.20 12.05 18.21
C ASN C 156 4.41 10.78 18.45
N TYR C 157 3.74 10.25 17.43
CA TYR C 157 2.85 9.09 17.64
C TYR C 157 3.72 7.87 17.95
N ASN C 158 4.96 7.90 17.47
CA ASN C 158 6.00 6.95 17.92
C ASN C 158 5.59 5.50 18.19
N VAL C 159 5.67 5.09 19.44
CA VAL C 159 5.38 3.71 19.78
C VAL C 159 3.93 3.32 19.52
N MET C 160 2.98 4.29 19.54
CA MET C 160 1.59 3.93 19.13
C MET C 160 1.46 3.63 17.64
N GLY C 161 2.27 4.27 16.80
CA GLY C 161 2.19 3.97 15.36
C GLY C 161 2.64 2.55 15.07
N VAL C 162 3.71 2.13 15.76
CA VAL C 162 4.18 0.77 15.66
C VAL C 162 3.13 -0.20 16.27
N ALA C 163 2.47 0.23 17.32
CA ALA C 163 1.43 -0.60 17.88
C ALA C 163 0.23 -0.74 16.91
N LYS C 164 -0.21 0.35 16.30
CA LYS C 164 -1.30 0.31 15.30
C LYS C 164 -0.91 -0.54 14.10
N ALA C 165 0.37 -0.53 13.75
CA ALA C 165 0.76 -1.34 12.57
C ALA C 165 0.52 -2.81 12.91
N SER C 166 0.92 -3.12 14.12
CA SER C 166 0.73 -4.46 14.62
C SER C 166 -0.77 -4.80 14.74
N LEU C 167 -1.56 -3.82 15.17
CA LEU C 167 -2.99 -4.00 15.25
C LEU C 167 -3.56 -4.31 13.89
N GLU C 168 -3.13 -3.51 12.92
CA GLU C 168 -3.66 -3.66 11.56
C GLU C 168 -3.26 -5.02 10.96
N ALA C 169 -2.04 -5.47 11.21
CA ALA C 169 -1.69 -6.79 10.72
C ALA C 169 -2.53 -7.88 11.42
N SER C 170 -2.78 -7.72 12.72
CA SER C 170 -3.63 -8.67 13.45
C SER C 170 -5.03 -8.78 12.83
N VAL C 171 -5.59 -7.65 12.41
CA VAL C 171 -6.87 -7.66 11.73
C VAL C 171 -6.84 -8.64 10.53
N LYS C 172 -5.78 -8.57 9.75
CA LYS C 172 -5.68 -9.39 8.55
C LYS C 172 -5.61 -10.84 8.93
N TYR C 173 -4.71 -11.17 9.86
CA TYR C 173 -4.52 -12.56 10.28
C TYR C 173 -5.78 -13.11 10.99
N LEU C 174 -6.43 -12.26 11.79
CA LEU C 174 -7.60 -12.69 12.52
C LEU C 174 -8.69 -12.96 11.50
N ALA C 175 -8.74 -12.14 10.45
CA ALA C 175 -9.82 -12.32 9.50
C ALA C 175 -9.62 -13.62 8.72
N ASN C 176 -8.37 -13.96 8.49
CA ASN C 176 -8.07 -15.21 7.82
C ASN C 176 -8.46 -16.37 8.70
N ASP C 177 -8.26 -16.26 10.03
CA ASP C 177 -8.67 -17.32 10.98
C ASP C 177 -10.16 -17.47 11.09
N LEU C 178 -10.87 -16.38 11.27
CA LEU C 178 -12.18 -16.45 11.74
C LEU C 178 -13.25 -16.45 10.66
N GLY C 179 -12.88 -16.04 9.44
CA GLY C 179 -13.81 -16.08 8.34
C GLY C 179 -14.49 -17.42 8.15
N GLN C 180 -13.77 -18.51 8.43
CA GLN C 180 -14.30 -19.85 8.24
C GLN C 180 -15.35 -20.18 9.30
N HIS C 181 -15.43 -19.32 10.31
CA HIS C 181 -16.33 -19.50 11.43
C HIS C 181 -17.51 -18.52 11.27
N GLY C 182 -17.71 -18.02 10.07
CA GLY C 182 -18.66 -16.93 9.84
C GLY C 182 -18.31 -15.59 10.48
N ILE C 183 -17.07 -15.39 10.92
CA ILE C 183 -16.73 -14.13 11.56
C ILE C 183 -15.80 -13.20 10.72
N ARG C 184 -16.24 -11.95 10.54
CA ARG C 184 -15.46 -10.94 9.86
C ARG C 184 -14.68 -10.07 10.84
N VAL C 185 -13.58 -9.50 10.36
CA VAL C 185 -12.74 -8.72 11.25
C VAL C 185 -12.28 -7.54 10.41
N ASN C 186 -12.48 -6.33 10.94
CA ASN C 186 -12.29 -5.11 10.15
C ASN C 186 -11.81 -3.98 11.05
N ALA C 187 -11.09 -3.05 10.46
CA ALA C 187 -10.74 -1.83 11.16
C ALA C 187 -11.42 -0.59 10.58
N ILE C 188 -11.59 0.41 11.41
CA ILE C 188 -11.87 1.74 10.94
C ILE C 188 -10.68 2.59 11.30
N SER C 189 -10.06 3.24 10.33
CA SER C 189 -8.98 4.22 10.61
C SER C 189 -9.55 5.65 10.74
N ALA C 190 -9.71 6.11 11.97
CA ALA C 190 -10.39 7.36 12.19
C ALA C 190 -9.47 8.56 12.07
N GLY C 191 -10.07 9.68 11.64
CA GLY C 191 -9.30 10.95 11.63
C GLY C 191 -9.16 11.47 13.07
N PRO C 192 -8.28 12.45 13.27
CA PRO C 192 -8.12 12.96 14.63
C PRO C 192 -9.46 13.44 15.24
N ILE C 193 -9.72 13.00 16.46
CA ILE C 193 -10.95 13.43 17.16
C ILE C 193 -10.56 13.85 18.59
N ARG C 194 -11.21 14.89 19.11
CA ARG C 194 -10.93 15.38 20.46
C ARG C 194 -11.55 14.49 21.53
N THR C 195 -10.77 13.52 22.02
CA THR C 195 -11.17 12.57 23.00
C THR C 195 -10.17 12.65 24.20
N LEU C 196 -10.33 11.79 25.19
CA LEU C 196 -9.30 11.72 26.22
C LEU C 196 -7.91 11.34 25.67
N SER C 197 -7.86 10.51 24.60
CA SER C 197 -6.59 10.04 24.09
C SER C 197 -5.88 11.08 23.19
N ALA C 198 -6.57 12.20 22.97
CA ALA C 198 -5.96 13.38 22.33
C ALA C 198 -5.47 14.42 23.36
N LYS C 199 -5.80 14.24 24.64
CA LYS C 199 -5.27 15.15 25.69
C LYS C 199 -3.75 15.16 25.70
N GLY C 200 -3.17 16.34 25.62
CA GLY C 200 -1.73 16.43 25.67
C GLY C 200 -0.98 16.29 24.36
N VAL C 201 -1.65 15.84 23.30
CA VAL C 201 -1.01 15.92 21.98
C VAL C 201 -0.61 17.38 21.70
N GLY C 202 0.66 17.61 21.35
CA GLY C 202 1.16 18.92 20.95
C GLY C 202 0.45 19.50 19.72
N ASP C 203 -0.10 20.71 19.89
CA ASP C 203 -0.67 21.44 18.79
C ASP C 203 -1.93 20.75 18.20
N PHE C 204 -2.66 19.96 18.99
CA PHE C 204 -3.85 19.22 18.51
C PHE C 204 -4.83 20.15 17.78
N ASN C 205 -4.97 21.39 18.27
CA ASN C 205 -5.84 22.32 17.58
C ASN C 205 -5.29 22.70 16.20
N SER C 206 -3.99 22.64 16.04
CA SER C 206 -3.43 22.98 14.75
C SER C 206 -3.62 21.80 13.79
N ILE C 207 -3.53 20.59 14.33
CA ILE C 207 -3.83 19.41 13.54
C ILE C 207 -5.26 19.51 12.99
N LEU C 208 -6.20 19.85 13.85
CA LEU C 208 -7.61 19.96 13.46
C LEU C 208 -7.82 21.03 12.39
N ARG C 209 -7.16 22.16 12.53
CA ARG C 209 -7.33 23.30 11.64
C ARG C 209 -6.79 22.94 10.24
N GLU C 210 -5.65 22.26 10.21
CA GLU C 210 -5.03 21.66 9.03
C GLU C 210 -5.96 20.69 8.27
N ILE C 211 -6.59 19.77 9.00
CA ILE C 211 -7.57 18.82 8.45
C ILE C 211 -8.73 19.60 7.82
N GLU C 212 -9.26 20.55 8.58
CA GLU C 212 -10.40 21.33 8.11
C GLU C 212 -10.06 22.00 6.80
N GLU C 213 -8.84 22.47 6.68
CA GLU C 213 -8.56 23.26 5.47
C GLU C 213 -7.97 22.48 4.31
N ARG C 214 -7.31 21.37 4.58
CA ARG C 214 -6.68 20.59 3.49
C ARG C 214 -7.42 19.26 3.15
N ALA C 215 -8.21 18.72 4.08
CA ALA C 215 -8.82 17.44 3.81
C ALA C 215 -9.85 17.55 2.68
N PRO C 216 -9.92 16.52 1.83
CA PRO C 216 -10.95 16.62 0.76
C PRO C 216 -12.35 17.09 1.23
N LEU C 217 -12.89 16.57 2.34
CA LEU C 217 -14.21 16.98 2.78
C LEU C 217 -14.21 18.28 3.58
N ARG C 218 -13.04 18.85 3.81
CA ARG C 218 -12.95 20.17 4.45
C ARG C 218 -13.59 20.24 5.82
N ARG C 219 -13.42 19.21 6.64
CA ARG C 219 -13.99 19.18 8.01
C ARG C 219 -13.41 17.98 8.73
N THR C 220 -13.59 17.93 10.02
CA THR C 220 -12.63 17.33 10.88
C THR C 220 -12.79 15.84 11.34
N THR C 221 -13.95 15.28 11.20
CA THR C 221 -14.23 13.88 11.68
C THR C 221 -14.88 13.87 13.07
N THR C 222 -16.06 13.29 13.09
CA THR C 222 -16.89 13.17 14.29
C THR C 222 -17.06 11.72 14.71
N GLN C 223 -17.44 11.56 15.96
CA GLN C 223 -17.67 10.26 16.52
C GLN C 223 -18.85 9.57 15.82
N GLU C 224 -19.82 10.34 15.39
CA GLU C 224 -21.01 9.83 14.70
C GLU C 224 -20.70 9.27 13.30
N GLU C 225 -19.73 9.87 12.64
CA GLU C 225 -19.28 9.39 11.33
C GLU C 225 -18.67 8.01 11.48
N VAL C 226 -17.87 7.85 12.53
CA VAL C 226 -17.21 6.57 12.85
C VAL C 226 -18.26 5.57 13.28
N GLY C 227 -19.13 5.98 14.20
CA GLY C 227 -20.21 5.04 14.63
C GLY C 227 -21.09 4.57 13.48
N ASP C 228 -21.43 5.47 12.56
CA ASP C 228 -22.21 5.04 11.39
C ASP C 228 -21.47 4.09 10.41
N THR C 229 -20.18 4.26 10.17
CA THR C 229 -19.44 3.29 9.40
C THR C 229 -19.38 1.97 10.16
N ALA C 230 -19.35 2.07 11.49
CA ALA C 230 -19.37 0.87 12.32
C ALA C 230 -20.66 0.11 12.16
N VAL C 231 -21.78 0.84 12.11
CA VAL C 231 -23.10 0.23 11.83
C VAL C 231 -23.04 -0.58 10.55
N PHE C 232 -22.56 0.04 9.47
CA PHE C 232 -22.32 -0.71 8.23
C PHE C 232 -21.52 -2.01 8.49
N LEU C 233 -20.35 -1.92 9.10
CA LEU C 233 -19.50 -3.14 9.23
C LEU C 233 -20.14 -4.33 10.05
N PHE C 234 -20.95 -4.01 11.06
CA PHE C 234 -21.59 -5.01 11.85
C PHE C 234 -22.86 -5.46 11.15
N SER C 235 -23.34 -4.74 10.14
CA SER C 235 -24.59 -5.14 9.50
C SER C 235 -24.40 -6.17 8.43
N ASP C 236 -25.51 -6.80 8.03
CA ASP C 236 -25.55 -7.67 6.84
C ASP C 236 -25.09 -6.98 5.55
N LEU C 237 -25.20 -5.66 5.46
CA LEU C 237 -24.75 -4.96 4.25
C LEU C 237 -23.28 -5.27 3.97
N ALA C 238 -22.54 -5.57 5.02
CA ALA C 238 -21.08 -5.68 4.90
C ALA C 238 -20.61 -7.10 4.87
N ARG C 239 -21.50 -8.05 4.54
CA ARG C 239 -21.22 -9.50 4.67
C ARG C 239 -20.11 -9.98 3.77
N GLY C 240 -19.84 -9.28 2.66
CA GLY C 240 -18.68 -9.66 1.83
C GLY C 240 -17.38 -8.92 2.19
N VAL C 241 -17.40 -8.11 3.27
CA VAL C 241 -16.19 -7.34 3.69
C VAL C 241 -15.47 -7.78 4.95
N THR C 242 -14.22 -8.22 4.77
CA THR C 242 -13.42 -8.69 5.90
C THR C 242 -11.96 -8.41 5.60
N GLY C 243 -11.20 -8.19 6.66
CA GLY C 243 -9.77 -7.81 6.60
C GLY C 243 -9.58 -6.45 5.97
N GLU C 244 -10.60 -5.59 6.04
CA GLU C 244 -10.55 -4.26 5.46
C GLU C 244 -10.28 -3.19 6.52
N ASN C 245 -9.62 -2.12 6.07
CA ASN C 245 -9.43 -0.92 6.92
C ASN C 245 -10.11 0.26 6.22
N ILE C 246 -11.25 0.73 6.72
CA ILE C 246 -11.99 1.83 6.08
C ILE C 246 -11.59 3.13 6.75
N HIS C 247 -11.10 4.11 5.98
CA HIS C 247 -10.55 5.33 6.58
C HIS C 247 -11.68 6.28 6.76
N VAL C 248 -11.99 6.67 7.98
CA VAL C 248 -13.15 7.59 8.18
C VAL C 248 -12.54 8.87 8.67
N ASP C 249 -11.99 9.65 7.75
CA ASP C 249 -11.03 10.73 8.11
C ASP C 249 -11.16 11.90 7.16
N SER C 250 -12.34 12.00 6.56
CA SER C 250 -12.68 13.06 5.62
C SER C 250 -11.85 13.04 4.34
N GLY C 251 -11.22 11.93 4.07
CA GLY C 251 -10.37 11.74 2.86
C GLY C 251 -8.91 12.09 3.05
N TYR C 252 -8.53 12.44 4.27
CA TYR C 252 -7.21 13.01 4.50
C TYR C 252 -6.14 12.01 4.08
N HIS C 253 -6.40 10.73 4.31
CA HIS C 253 -5.41 9.66 4.09
C HIS C 253 -4.87 9.64 2.65
N ILE C 254 -5.57 10.26 1.67
CA ILE C 254 -5.16 10.23 0.25
C ILE C 254 -4.13 11.30 -0.12
N LEU C 255 -3.84 12.27 0.77
CA LEU C 255 -2.94 13.38 0.42
C LEU C 255 -1.49 13.03 0.48
N GLY C 256 -0.72 13.48 -0.52
CA GLY C 256 0.72 13.46 -0.39
C GLY C 256 1.11 14.80 0.24
N LEU C 257 2.24 15.36 -0.16
CA LEU C 257 2.82 16.61 0.44
C LEU C 257 1.98 17.87 0.86
N GLU D 2 36.61 -0.06 -4.32
CA GLU D 2 35.29 -0.82 -4.18
C GLU D 2 34.28 -0.23 -3.15
N LEU D 3 32.98 -0.53 -3.33
CA LEU D 3 31.90 0.22 -2.67
C LEU D 3 32.07 0.42 -1.16
N LEU D 4 32.53 -0.63 -0.44
CA LEU D 4 32.57 -0.52 1.00
C LEU D 4 34.01 -0.43 1.62
N GLN D 5 35.00 -0.16 0.75
CA GLN D 5 36.39 0.03 1.18
C GLN D 5 36.51 0.89 2.42
N GLY D 6 37.22 0.33 3.41
CA GLY D 6 37.49 1.02 4.68
C GLY D 6 36.30 1.37 5.57
N LYS D 7 35.20 0.62 5.48
CA LYS D 7 34.01 0.88 6.33
C LYS D 7 33.84 -0.32 7.19
N THR D 8 33.20 -0.18 8.34
CA THR D 8 33.07 -1.32 9.20
C THR D 8 31.63 -1.57 9.57
N PHE D 9 31.21 -2.82 9.43
CA PHE D 9 29.83 -3.14 9.71
C PHE D 9 29.60 -4.24 10.73
N VAL D 10 28.54 -4.02 11.53
CA VAL D 10 28.14 -5.05 12.51
C VAL D 10 27.12 -5.92 11.86
N VAL D 11 27.39 -7.23 11.83
CA VAL D 11 26.44 -8.22 11.36
C VAL D 11 25.90 -9.09 12.48
N MET D 12 24.57 -9.11 12.63
CA MET D 12 23.91 -9.81 13.73
C MET D 12 23.04 -10.91 13.14
N GLY D 13 23.13 -12.12 13.66
CA GLY D 13 22.25 -13.17 13.21
C GLY D 13 22.86 -14.28 12.42
N VAL D 14 24.19 -14.30 12.29
CA VAL D 14 24.79 -15.53 11.74
C VAL D 14 24.52 -16.70 12.73
N ALA D 15 23.81 -17.73 12.25
CA ALA D 15 23.67 -18.99 12.95
C ALA D 15 24.47 -20.10 12.24
N ASN D 16 24.45 -20.10 10.92
CA ASN D 16 25.22 -21.11 10.16
C ASN D 16 25.42 -20.65 8.71
N GLN D 17 26.05 -21.52 7.94
CA GLN D 17 26.39 -21.31 6.54
C GLN D 17 25.20 -20.87 5.63
N ARG D 18 24.00 -21.27 5.99
CA ARG D 18 22.83 -20.90 5.22
C ARG D 18 22.16 -19.60 5.66
N SER D 19 22.63 -19.05 6.79
CA SER D 19 22.07 -17.80 7.31
C SER D 19 22.09 -16.72 6.26
N ILE D 20 20.93 -16.10 6.05
CA ILE D 20 20.89 -14.90 5.25
C ILE D 20 21.95 -13.93 5.75
N ALA D 21 22.10 -13.82 7.05
CA ALA D 21 23.19 -12.99 7.58
C ALA D 21 24.59 -13.31 7.04
N TRP D 22 24.83 -14.58 6.68
CA TRP D 22 26.14 -15.02 6.20
C TRP D 22 26.35 -14.59 4.72
N GLY D 23 25.32 -14.82 3.88
CA GLY D 23 25.24 -14.09 2.55
C GLY D 23 25.59 -12.59 2.66
N ILE D 24 24.96 -11.93 3.63
CA ILE D 24 25.20 -10.52 3.79
C ILE D 24 26.67 -10.33 4.16
N ALA D 25 27.14 -10.96 5.24
CA ALA D 25 28.61 -10.96 5.58
C ALA D 25 29.52 -11.10 4.34
N ARG D 26 29.26 -12.08 3.48
CA ARG D 26 30.21 -12.26 2.36
C ARG D 26 30.17 -11.17 1.33
N SER D 27 28.93 -10.68 1.02
CA SER D 27 28.78 -9.66 0.02
C SER D 27 29.47 -8.46 0.60
N LEU D 28 29.31 -8.18 1.89
CA LEU D 28 29.93 -6.96 2.38
C LEU D 28 31.46 -7.13 2.35
N HIS D 29 31.93 -8.31 2.70
CA HIS D 29 33.35 -8.55 2.71
C HIS D 29 33.88 -8.46 1.26
N ASN D 30 33.10 -9.01 0.33
CA ASN D 30 33.53 -8.94 -1.06
C ASN D 30 33.65 -7.52 -1.59
N ALA D 31 32.94 -6.60 -0.92
CA ALA D 31 32.91 -5.25 -1.35
C ALA D 31 33.93 -4.49 -0.56
N GLY D 32 34.74 -5.18 0.23
CA GLY D 32 35.81 -4.49 0.97
C GLY D 32 35.51 -4.04 2.39
N ALA D 33 34.38 -4.47 2.94
CA ALA D 33 34.05 -4.06 4.31
C ALA D 33 34.87 -4.82 5.36
N LYS D 34 35.07 -4.20 6.52
CA LYS D 34 35.41 -4.93 7.76
C LYS D 34 34.13 -5.27 8.50
N LEU D 35 34.13 -6.43 9.15
CA LEU D 35 32.96 -6.99 9.79
C LEU D 35 33.12 -7.30 11.29
N ILE D 36 32.06 -7.00 12.05
CA ILE D 36 31.92 -7.44 13.42
C ILE D 36 30.70 -8.35 13.46
N PHE D 37 30.84 -9.55 13.98
CA PHE D 37 29.69 -10.40 14.12
C PHE D 37 29.24 -10.47 15.56
N THR D 38 27.97 -10.77 15.69
CA THR D 38 27.44 -11.04 17.00
C THR D 38 26.68 -12.35 16.90
N TYR D 39 26.45 -13.02 18.03
CA TYR D 39 25.72 -14.25 18.03
C TYR D 39 24.91 -14.29 19.34
N ALA D 40 23.83 -15.06 19.32
CA ALA D 40 22.93 -15.17 20.48
C ALA D 40 23.23 -16.38 21.34
N GLY D 41 23.85 -16.22 22.51
CA GLY D 41 24.10 -17.36 23.44
C GLY D 41 25.19 -18.36 23.03
N GLU D 42 25.74 -19.08 24.01
CA GLU D 42 26.99 -19.87 23.83
C GLU D 42 26.95 -21.04 22.82
N ARG D 43 25.78 -21.67 22.67
CA ARG D 43 25.58 -22.74 21.69
C ARG D 43 26.03 -22.44 20.23
N LEU D 44 26.82 -21.37 20.02
CA LEU D 44 27.08 -20.86 18.67
C LEU D 44 28.42 -20.17 18.42
N GLU D 45 29.04 -19.60 19.48
CA GLU D 45 30.32 -18.89 19.35
C GLU D 45 31.18 -19.62 18.30
N ARG D 46 31.30 -20.93 18.42
CA ARG D 46 32.15 -21.75 17.53
C ARG D 46 31.74 -21.73 16.04
N ASN D 47 30.45 -21.86 15.75
CA ASN D 47 30.01 -21.87 14.36
C ASN D 47 30.17 -20.50 13.65
N VAL D 48 30.10 -19.42 14.42
CA VAL D 48 30.28 -18.07 13.89
C VAL D 48 31.75 -17.68 13.70
N ARG D 49 32.57 -17.96 14.72
CA ARG D 49 34.04 -17.75 14.64
C ARG D 49 34.56 -18.56 13.46
N GLU D 50 34.07 -19.78 13.35
CA GLU D 50 34.52 -20.65 12.30
C GLU D 50 34.29 -19.95 10.94
N LEU D 51 33.04 -19.55 10.71
CA LEU D 51 32.68 -18.82 9.52
C LEU D 51 33.51 -17.54 9.42
N ALA D 52 33.50 -16.74 10.46
CA ALA D 52 34.23 -15.48 10.34
C ALA D 52 35.63 -15.76 9.81
N ASP D 53 36.23 -16.82 10.32
CA ASP D 53 37.61 -17.16 9.98
C ASP D 53 37.84 -17.48 8.53
N THR D 54 36.85 -18.05 7.84
CA THR D 54 36.99 -18.30 6.41
C THR D 54 37.26 -17.02 5.61
N LEU D 55 36.95 -15.86 6.17
CA LEU D 55 37.10 -14.63 5.39
C LEU D 55 38.57 -14.22 5.31
N GLU D 56 39.01 -13.90 4.10
CA GLU D 56 40.39 -13.49 3.83
C GLU D 56 40.89 -12.33 4.71
N GLY D 57 41.46 -12.66 5.86
CA GLY D 57 42.58 -11.90 6.37
C GLY D 57 42.34 -10.67 7.21
N GLN D 58 42.74 -10.85 8.46
CA GLN D 58 42.40 -10.07 9.65
C GLN D 58 41.11 -10.45 10.31
N GLU D 59 41.33 -11.03 11.49
CA GLU D 59 40.35 -11.53 12.42
C GLU D 59 39.18 -10.57 12.61
N SER D 60 37.97 -11.05 12.35
CA SER D 60 36.79 -10.31 12.71
C SER D 60 36.49 -10.56 14.20
N LEU D 61 36.20 -9.47 14.94
CA LEU D 61 35.57 -9.54 16.24
C LEU D 61 34.29 -10.35 16.18
N VAL D 62 34.11 -11.22 17.17
CA VAL D 62 32.86 -11.93 17.29
C VAL D 62 32.36 -11.67 18.71
N LEU D 63 31.16 -11.13 18.84
CA LEU D 63 30.66 -10.68 20.15
C LEU D 63 29.38 -11.36 20.51
N PRO D 64 29.20 -11.61 21.81
CA PRO D 64 27.85 -12.06 22.21
C PRO D 64 26.82 -10.90 22.27
N CYS D 65 25.61 -11.16 21.82
CA CYS D 65 24.53 -10.17 21.93
C CYS D 65 23.22 -10.90 21.80
N ASP D 66 22.68 -11.30 22.96
CA ASP D 66 21.31 -11.72 23.10
C ASP D 66 20.43 -10.48 23.17
N VAL D 67 19.71 -10.17 22.10
CA VAL D 67 18.96 -8.92 22.08
C VAL D 67 17.78 -8.80 23.07
N THR D 68 17.48 -9.85 23.83
CA THR D 68 16.46 -9.77 24.89
C THR D 68 17.09 -9.28 26.18
N ASN D 69 18.44 -9.17 26.19
CA ASN D 69 19.23 -8.76 27.38
C ASN D 69 19.76 -7.35 27.28
N ASP D 70 19.18 -6.45 28.06
CA ASP D 70 19.59 -5.05 27.98
C ASP D 70 21.08 -4.80 28.22
N GLU D 71 21.65 -5.43 29.24
CA GLU D 71 23.02 -5.05 29.56
C GLU D 71 24.05 -5.69 28.69
N GLU D 72 23.80 -6.88 28.13
CA GLU D 72 24.78 -7.38 27.16
C GLU D 72 24.72 -6.67 25.79
N LEU D 73 23.50 -6.36 25.35
CA LEU D 73 23.30 -5.45 24.21
C LEU D 73 24.07 -4.17 24.44
N THR D 74 23.83 -3.51 25.56
CA THR D 74 24.58 -2.29 25.86
C THR D 74 26.11 -2.52 25.98
N ALA D 75 26.50 -3.68 26.48
CA ALA D 75 27.95 -3.97 26.60
C ALA D 75 28.58 -4.29 25.24
N CYS D 76 27.88 -5.09 24.45
CA CYS D 76 28.27 -5.35 23.07
C CYS D 76 28.73 -4.09 22.36
N PHE D 77 27.95 -3.00 22.45
CA PHE D 77 28.26 -1.79 21.66
C PHE D 77 29.33 -0.88 22.31
N GLU D 78 29.49 -1.01 23.63
CA GLU D 78 30.63 -0.44 24.35
C GLU D 78 31.96 -1.07 23.88
N THR D 79 31.98 -2.39 23.79
CA THR D 79 33.13 -3.11 23.26
C THR D 79 33.38 -2.59 21.85
N ILE D 80 32.38 -2.66 20.98
CA ILE D 80 32.52 -2.03 19.70
C ILE D 80 33.00 -0.58 19.79
N LYS D 81 32.47 0.23 20.71
CA LYS D 81 32.98 1.60 20.90
C LYS D 81 34.46 1.56 21.26
N GLN D 82 34.85 0.57 22.04
CA GLN D 82 36.22 0.51 22.53
C GLN D 82 37.20 -0.17 21.58
N GLU D 83 36.84 -1.33 21.07
CA GLU D 83 37.69 -1.94 20.04
C GLU D 83 37.82 -1.09 18.76
N VAL D 84 36.72 -0.58 18.19
CA VAL D 84 36.84 0.06 16.87
C VAL D 84 36.49 1.54 16.77
N GLY D 85 35.75 2.06 17.75
CA GLY D 85 35.44 3.49 17.78
C GLY D 85 34.24 3.85 16.92
N THR D 86 34.35 3.61 15.62
CA THR D 86 33.35 4.06 14.66
C THR D 86 32.87 2.95 13.73
N ILE D 87 31.56 2.68 13.70
CA ILE D 87 31.01 1.76 12.67
C ILE D 87 30.13 2.52 11.65
N HIS D 88 29.86 1.90 10.51
CA HIS D 88 29.13 2.58 9.48
C HIS D 88 27.78 2.00 9.18
N GLY D 89 27.31 1.07 10.02
CA GLY D 89 26.06 0.40 9.83
C GLY D 89 25.93 -0.91 10.59
N VAL D 90 24.73 -1.43 10.63
CA VAL D 90 24.42 -2.64 11.33
C VAL D 90 23.44 -3.36 10.42
N ALA D 91 23.65 -4.64 10.24
CA ALA D 91 22.69 -5.45 9.54
C ALA D 91 21.97 -6.32 10.58
N HIS D 92 20.71 -6.06 10.85
CA HIS D 92 19.94 -6.75 11.91
C HIS D 92 19.22 -7.89 11.24
N CYS D 93 19.66 -9.13 11.50
CA CYS D 93 19.02 -10.28 10.89
C CYS D 93 18.53 -11.27 11.88
N ILE D 94 17.58 -10.85 12.71
CA ILE D 94 17.13 -11.63 13.88
C ILE D 94 15.64 -11.74 13.93
N ALA D 95 15.17 -12.97 14.04
CA ALA D 95 13.79 -13.23 14.25
C ALA D 95 13.59 -14.45 15.16
N PHE D 96 12.58 -14.39 16.02
CA PHE D 96 12.17 -15.56 16.83
C PHE D 96 10.75 -15.42 17.32
N ALA D 97 10.04 -16.52 17.20
CA ALA D 97 8.74 -16.79 17.86
C ALA D 97 8.76 -18.27 18.32
N ASN D 98 7.93 -18.60 19.31
CA ASN D 98 7.80 -20.00 19.72
C ASN D 98 7.22 -20.73 18.60
N ARG D 99 7.79 -21.90 18.32
CA ARG D 99 7.42 -22.74 17.19
C ARG D 99 5.94 -23.14 17.19
N ASP D 100 5.38 -23.41 18.36
CA ASP D 100 3.95 -23.76 18.45
C ASP D 100 3.00 -22.72 17.84
N ASP D 101 3.52 -21.48 17.74
CA ASP D 101 2.70 -20.37 17.31
C ASP D 101 2.67 -20.26 15.80
N LEU D 102 3.52 -21.04 15.12
CA LEU D 102 3.66 -20.95 13.68
C LEU D 102 2.91 -22.07 13.04
N LYS D 103 1.73 -22.38 13.59
CA LYS D 103 0.83 -23.33 12.96
C LYS D 103 -0.56 -23.01 13.47
N GLY D 104 -1.56 -23.74 12.98
CA GLY D 104 -2.97 -23.45 13.24
C GLY D 104 -3.33 -22.11 13.90
N GLU D 105 -4.31 -21.41 13.32
CA GLU D 105 -5.00 -20.22 13.86
C GLU D 105 -4.20 -19.21 14.68
N PHE D 106 -3.91 -18.07 14.06
CA PHE D 106 -3.30 -16.92 14.80
C PHE D 106 -4.13 -16.48 16.02
N VAL D 107 -5.45 -16.71 15.99
CA VAL D 107 -6.32 -16.31 17.11
C VAL D 107 -5.96 -16.99 18.44
N ASP D 108 -5.24 -18.12 18.35
CA ASP D 108 -4.93 -18.96 19.54
C ASP D 108 -3.59 -18.58 20.20
N THR D 109 -2.89 -17.59 19.66
CA THR D 109 -1.56 -17.29 20.23
C THR D 109 -1.61 -16.63 21.60
N SER D 110 -0.75 -17.08 22.47
CA SER D 110 -0.79 -16.61 23.83
C SER D 110 -0.08 -15.24 23.91
N ARG D 111 -0.45 -14.48 24.92
CA ARG D 111 0.12 -13.15 25.13
C ARG D 111 1.63 -13.22 25.37
N ASP D 112 2.07 -14.25 26.07
CA ASP D 112 3.50 -14.52 26.19
C ASP D 112 4.15 -14.83 24.85
N GLY D 113 3.47 -15.62 24.04
CA GLY D 113 3.96 -15.87 22.66
C GLY D 113 4.13 -14.61 21.83
N PHE D 114 3.07 -13.83 21.83
CA PHE D 114 2.97 -12.61 21.13
C PHE D 114 4.05 -11.67 21.59
N LEU D 115 4.19 -11.49 22.88
CA LEU D 115 5.14 -10.45 23.32
C LEU D 115 6.56 -10.92 23.13
N LEU D 116 6.78 -12.24 23.17
CA LEU D 116 8.16 -12.75 22.93
C LEU D 116 8.57 -12.43 21.47
N ALA D 117 7.67 -12.77 20.53
CA ALA D 117 7.89 -12.47 19.10
C ALA D 117 8.18 -10.98 18.87
N GLN D 118 7.30 -10.13 19.42
CA GLN D 118 7.48 -8.66 19.31
C GLN D 118 8.83 -8.25 19.86
N ASN D 119 9.12 -8.69 21.05
CA ASN D 119 10.36 -8.34 21.71
C ASN D 119 11.58 -8.74 20.91
N ILE D 120 11.62 -9.97 20.39
CA ILE D 120 12.83 -10.35 19.68
C ILE D 120 12.84 -10.00 18.18
N SER D 121 11.70 -10.20 17.52
CA SER D 121 11.58 -9.89 16.11
C SER D 121 11.39 -8.41 15.79
N ALA D 122 10.84 -7.59 16.68
CA ALA D 122 10.55 -6.19 16.34
C ALA D 122 11.27 -5.18 17.20
N PHE D 123 11.09 -5.27 18.53
CA PHE D 123 11.73 -4.26 19.37
C PHE D 123 13.27 -4.25 19.31
N SER D 124 13.87 -5.42 19.04
CA SER D 124 15.35 -5.50 18.97
C SER D 124 16.02 -4.53 18.01
N LEU D 125 15.33 -4.26 16.88
CA LEU D 125 15.86 -3.31 15.95
C LEU D 125 16.02 -1.98 16.60
N THR D 126 15.02 -1.57 17.40
CA THR D 126 15.02 -0.26 18.03
C THR D 126 16.13 -0.20 19.11
N ALA D 127 16.17 -1.19 19.98
CA ALA D 127 17.28 -1.33 20.94
C ALA D 127 18.65 -1.31 20.27
N VAL D 128 18.81 -2.09 19.22
CA VAL D 128 20.09 -2.07 18.54
C VAL D 128 20.36 -0.70 17.96
N ALA D 129 19.32 -0.08 17.35
CA ALA D 129 19.46 1.23 16.70
C ALA D 129 19.86 2.31 17.69
N ARG D 130 19.30 2.24 18.89
CA ARG D 130 19.69 3.15 19.97
C ARG D 130 21.17 3.03 20.42
N GLU D 131 21.72 1.82 20.42
CA GLU D 131 23.18 1.68 20.74
C GLU D 131 23.99 2.00 19.51
N ALA D 132 23.55 1.50 18.36
CA ALA D 132 24.25 1.79 17.09
C ALA D 132 24.52 3.28 16.82
N LYS D 133 23.54 4.11 17.18
CA LYS D 133 23.58 5.54 17.06
C LYS D 133 24.82 6.11 17.75
N LYS D 134 25.25 5.52 18.87
CA LYS D 134 26.34 6.13 19.65
C LYS D 134 27.69 5.94 18.95
N VAL D 135 27.71 5.08 17.98
CA VAL D 135 28.96 4.61 17.48
C VAL D 135 29.01 4.76 15.93
N MET D 136 28.05 5.50 15.38
CA MET D 136 27.92 5.81 13.94
C MET D 136 27.97 7.29 13.73
N THR D 137 29.02 7.91 14.27
CA THR D 137 29.27 9.37 14.22
C THR D 137 29.53 9.89 12.79
N GLU D 138 29.80 9.00 11.86
CA GLU D 138 29.89 9.44 10.47
C GLU D 138 28.61 9.10 9.70
N GLY D 139 27.60 8.61 10.42
CA GLY D 139 26.37 8.16 9.80
C GLY D 139 26.55 6.87 9.03
N GLY D 140 25.48 6.46 8.34
CA GLY D 140 25.45 5.24 7.54
C GLY D 140 24.06 4.67 7.59
N ASN D 141 23.97 3.36 7.45
CA ASN D 141 22.70 2.71 7.26
C ASN D 141 22.49 1.56 8.24
N ILE D 142 21.27 1.42 8.72
CA ILE D 142 20.89 0.26 9.53
C ILE D 142 19.86 -0.55 8.73
N LEU D 143 20.10 -1.85 8.61
CA LEU D 143 19.27 -2.67 7.73
C LEU D 143 18.60 -3.71 8.63
N THR D 144 17.39 -4.13 8.29
CA THR D 144 16.74 -5.34 8.85
C THR D 144 16.19 -6.17 7.74
N LEU D 145 15.93 -7.43 8.07
CA LEU D 145 15.25 -8.31 7.16
C LEU D 145 13.83 -8.50 7.53
N THR D 146 12.99 -8.48 6.51
CA THR D 146 11.61 -8.76 6.77
C THR D 146 11.04 -9.70 5.73
N TYR D 147 9.74 -9.95 5.79
CA TYR D 147 9.21 -10.94 4.87
C TYR D 147 7.83 -10.45 4.49
N LEU D 148 7.37 -10.82 3.32
CA LEU D 148 6.06 -10.48 2.84
C LEU D 148 4.89 -10.80 3.79
N GLY D 149 5.06 -11.79 4.70
CA GLY D 149 3.96 -12.15 5.65
C GLY D 149 3.67 -10.98 6.60
N GLY D 150 4.55 -9.97 6.61
CA GLY D 150 4.37 -8.75 7.40
C GLY D 150 3.40 -7.70 6.79
N GLU D 151 3.09 -7.87 5.50
CA GLU D 151 2.25 -6.98 4.68
C GLU D 151 0.97 -7.71 4.29
N ARG D 152 1.07 -8.98 3.97
CA ARG D 152 -0.12 -9.74 3.62
C ARG D 152 -0.06 -11.06 4.29
N VAL D 153 -1.17 -11.78 4.29
CA VAL D 153 -1.27 -12.96 5.13
C VAL D 153 -0.64 -14.24 4.48
N VAL D 154 0.26 -14.89 5.21
CA VAL D 154 0.93 -16.06 4.68
C VAL D 154 0.62 -17.16 5.66
N LYS D 155 0.07 -18.25 5.17
CA LYS D 155 -0.40 -19.32 6.03
C LYS D 155 0.66 -19.78 7.06
N ASN D 156 0.26 -19.81 8.34
CA ASN D 156 1.09 -20.28 9.43
C ASN D 156 2.09 -19.28 9.88
N TYR D 157 2.30 -18.18 9.13
CA TYR D 157 3.30 -17.19 9.58
C TYR D 157 2.79 -16.44 10.81
N ASN D 158 1.47 -16.38 10.96
CA ASN D 158 0.78 -15.92 12.17
C ASN D 158 1.48 -14.84 12.98
N VAL D 159 1.91 -15.19 14.22
CA VAL D 159 2.45 -14.17 15.11
C VAL D 159 3.70 -13.50 14.51
N MET D 160 4.41 -14.17 13.60
CA MET D 160 5.62 -13.56 12.99
C MET D 160 5.22 -12.49 11.93
N GLY D 161 4.11 -12.72 11.31
CA GLY D 161 3.62 -11.75 10.40
C GLY D 161 3.36 -10.46 11.12
N VAL D 162 2.75 -10.59 12.29
CA VAL D 162 2.37 -9.41 13.06
C VAL D 162 3.64 -8.81 13.57
N ALA D 163 4.67 -9.62 13.82
CA ALA D 163 5.85 -9.00 14.35
C ALA D 163 6.67 -8.38 13.18
N LYS D 164 6.55 -8.93 11.98
CA LYS D 164 7.14 -8.23 10.83
C LYS D 164 6.46 -6.89 10.55
N ALA D 165 5.16 -6.83 10.75
CA ALA D 165 4.45 -5.56 10.50
C ALA D 165 4.98 -4.47 11.45
N SER D 166 5.16 -4.89 12.70
CA SER D 166 5.70 -4.02 13.73
C SER D 166 7.17 -3.61 13.44
N LEU D 167 7.91 -4.55 12.88
CA LEU D 167 9.27 -4.31 12.40
C LEU D 167 9.31 -3.28 11.26
N GLU D 168 8.44 -3.49 10.28
CA GLU D 168 8.45 -2.57 9.11
C GLU D 168 8.03 -1.16 9.57
N ALA D 169 7.06 -1.08 10.45
CA ALA D 169 6.67 0.25 10.96
C ALA D 169 7.77 0.86 11.79
N SER D 170 8.53 0.04 12.51
CA SER D 170 9.65 0.58 13.31
C SER D 170 10.65 1.16 12.39
N VAL D 171 10.83 0.51 11.24
CA VAL D 171 11.79 1.05 10.24
C VAL D 171 11.46 2.47 9.86
N LYS D 172 10.17 2.69 9.59
CA LYS D 172 9.74 4.02 9.16
C LYS D 172 10.00 5.02 10.29
N TYR D 173 9.45 4.78 11.47
CA TYR D 173 9.66 5.75 12.58
C TYR D 173 11.17 5.97 12.92
N LEU D 174 11.99 4.92 12.86
CA LEU D 174 13.40 5.06 13.21
C LEU D 174 14.08 5.88 12.08
N ALA D 175 13.59 5.68 10.85
CA ALA D 175 14.11 6.53 9.77
C ALA D 175 13.83 7.99 10.02
N ASN D 176 12.66 8.25 10.58
CA ASN D 176 12.35 9.64 10.86
C ASN D 176 13.14 10.21 12.04
N ASP D 177 13.42 9.40 13.06
CA ASP D 177 14.33 9.85 14.13
C ASP D 177 15.76 10.09 13.67
N LEU D 178 16.31 9.17 12.90
CA LEU D 178 17.77 9.09 12.74
C LEU D 178 18.34 9.81 11.54
N GLY D 179 17.47 10.27 10.63
CA GLY D 179 17.92 10.87 9.39
C GLY D 179 18.71 12.14 9.67
N GLN D 180 18.22 12.85 10.69
CA GLN D 180 18.79 14.11 11.08
C GLN D 180 20.18 13.93 11.68
N HIS D 181 20.49 12.68 12.05
CA HIS D 181 21.77 12.32 12.60
C HIS D 181 22.58 11.61 11.56
N GLY D 182 22.18 11.74 10.30
CA GLY D 182 22.92 11.19 9.22
C GLY D 182 22.78 9.68 9.07
N ILE D 183 21.72 9.09 9.62
CA ILE D 183 21.61 7.66 9.62
C ILE D 183 20.33 7.20 8.89
N ARG D 184 20.50 6.34 7.89
CA ARG D 184 19.39 5.87 7.08
C ARG D 184 19.02 4.44 7.46
N VAL D 185 17.72 4.18 7.55
CA VAL D 185 17.20 2.91 8.07
C VAL D 185 16.32 2.28 6.98
N ASN D 186 16.60 1.04 6.61
CA ASN D 186 15.89 0.40 5.51
C ASN D 186 15.66 -1.05 5.82
N ALA D 187 14.76 -1.68 5.08
CA ALA D 187 14.61 -3.10 5.20
C ALA D 187 14.83 -3.74 3.84
N ILE D 188 15.21 -5.03 3.82
CA ILE D 188 15.07 -5.93 2.70
C ILE D 188 13.96 -6.92 3.01
N SER D 189 12.96 -7.01 2.14
CA SER D 189 11.93 -8.07 2.26
C SER D 189 12.37 -9.26 1.41
N ALA D 190 12.92 -10.30 2.05
CA ALA D 190 13.46 -11.37 1.24
C ALA D 190 12.46 -12.44 0.88
N GLY D 191 12.59 -13.00 -0.31
CA GLY D 191 11.76 -14.15 -0.69
C GLY D 191 12.22 -15.35 0.15
N PRO D 192 11.42 -16.40 0.21
CA PRO D 192 11.63 -17.58 1.00
C PRO D 192 12.93 -18.30 0.58
N ILE D 193 13.74 -18.67 1.56
CA ILE D 193 15.05 -19.26 1.37
C ILE D 193 15.31 -20.37 2.44
N ARG D 194 15.96 -21.47 2.01
CA ARG D 194 16.29 -22.64 2.85
C ARG D 194 17.22 -22.30 3.98
N THR D 195 16.68 -22.00 5.16
CA THR D 195 17.59 -21.59 6.29
C THR D 195 17.26 -22.35 7.57
N LEU D 196 18.08 -22.21 8.60
CA LEU D 196 17.69 -22.71 9.92
C LEU D 196 16.25 -22.31 10.25
N SER D 197 15.83 -21.10 9.85
CA SER D 197 14.53 -20.54 10.24
C SER D 197 13.37 -21.00 9.38
N ALA D 198 13.66 -21.79 8.34
CA ALA D 198 12.62 -22.39 7.50
C ALA D 198 12.41 -23.89 7.81
N LYS D 199 13.22 -24.39 8.76
CA LYS D 199 13.11 -25.76 9.23
C LYS D 199 11.94 -25.74 10.18
N GLY D 200 10.84 -26.34 9.76
CA GLY D 200 9.59 -26.13 10.47
C GLY D 200 8.55 -26.88 9.71
N VAL D 201 7.49 -26.20 9.30
CA VAL D 201 6.54 -26.90 8.45
C VAL D 201 6.32 -26.11 7.15
N GLY D 202 5.16 -26.32 6.52
CA GLY D 202 4.70 -25.60 5.33
C GLY D 202 4.62 -26.47 4.09
N ASP D 203 5.34 -27.59 4.12
CA ASP D 203 5.90 -28.15 2.92
C ASP D 203 6.49 -26.95 2.19
N PHE D 204 7.65 -26.60 2.71
CA PHE D 204 8.44 -25.54 2.22
C PHE D 204 8.79 -25.73 0.72
N ASN D 205 8.96 -26.99 0.32
CA ASN D 205 9.39 -27.35 -1.05
C ASN D 205 8.33 -26.99 -2.04
N SER D 206 7.10 -27.17 -1.60
CA SER D 206 5.92 -26.85 -2.37
C SER D 206 5.82 -25.33 -2.56
N ILE D 207 6.31 -24.56 -1.58
CA ILE D 207 6.23 -23.12 -1.73
C ILE D 207 7.36 -22.57 -2.66
N LEU D 208 8.59 -23.05 -2.50
CA LEU D 208 9.66 -22.76 -3.45
C LEU D 208 9.26 -23.12 -4.89
N ARG D 209 8.57 -24.25 -5.05
CA ARG D 209 8.16 -24.70 -6.36
C ARG D 209 7.20 -23.67 -6.94
N GLU D 210 6.32 -23.19 -6.07
CA GLU D 210 5.35 -22.20 -6.43
C GLU D 210 6.08 -20.88 -6.85
N ILE D 211 7.10 -20.48 -6.12
CA ILE D 211 7.88 -19.29 -6.50
C ILE D 211 8.50 -19.51 -7.86
N GLU D 212 9.11 -20.71 -8.08
CA GLU D 212 9.70 -21.07 -9.36
C GLU D 212 8.74 -20.96 -10.53
N GLU D 213 7.53 -21.48 -10.40
CA GLU D 213 6.60 -21.42 -11.51
C GLU D 213 6.11 -20.00 -11.81
N ARG D 214 5.91 -19.22 -10.75
CA ARG D 214 5.01 -18.08 -10.79
C ARG D 214 5.72 -16.72 -10.60
N ALA D 215 6.79 -16.68 -9.82
CA ALA D 215 7.52 -15.45 -9.67
C ALA D 215 7.99 -14.97 -11.06
N PRO D 216 7.94 -13.64 -11.28
CA PRO D 216 8.38 -13.06 -12.56
C PRO D 216 9.73 -13.62 -13.01
N LEU D 217 10.67 -13.70 -12.09
CA LEU D 217 12.02 -14.15 -12.46
C LEU D 217 12.18 -15.68 -12.61
N ARG D 218 11.11 -16.43 -12.32
CA ARG D 218 11.05 -17.87 -12.48
C ARG D 218 12.12 -18.63 -11.70
N ARG D 219 12.49 -18.14 -10.51
CA ARG D 219 13.49 -18.76 -9.69
C ARG D 219 13.31 -18.28 -8.26
N THR D 220 13.98 -18.94 -7.31
CA THR D 220 13.82 -18.59 -5.90
C THR D 220 15.00 -17.68 -5.57
N THR D 221 14.99 -17.05 -4.39
CA THR D 221 15.99 -16.07 -4.10
C THR D 221 17.17 -16.68 -3.37
N THR D 222 18.33 -16.06 -3.43
CA THR D 222 19.44 -16.62 -2.72
C THR D 222 19.92 -15.66 -1.70
N GLN D 223 20.71 -16.20 -0.76
CA GLN D 223 21.28 -15.37 0.26
C GLN D 223 22.30 -14.39 -0.35
N GLU D 224 22.91 -14.75 -1.46
CA GLU D 224 23.76 -13.71 -2.12
C GLU D 224 22.99 -12.57 -2.83
N GLU D 225 21.79 -12.83 -3.31
CA GLU D 225 20.96 -11.76 -3.89
C GLU D 225 20.60 -10.72 -2.81
N VAL D 226 20.29 -11.21 -1.59
CA VAL D 226 19.93 -10.39 -0.47
C VAL D 226 21.13 -9.62 -0.10
N GLY D 227 22.29 -10.27 -0.14
CA GLY D 227 23.48 -9.60 0.37
C GLY D 227 24.03 -8.52 -0.58
N ASP D 228 23.92 -8.76 -1.87
CA ASP D 228 24.24 -7.66 -2.85
C ASP D 228 23.31 -6.40 -2.75
N THR D 229 22.01 -6.57 -2.53
CA THR D 229 21.13 -5.44 -2.22
C THR D 229 21.49 -4.82 -0.85
N ALA D 230 22.09 -5.60 0.05
CA ALA D 230 22.51 -5.04 1.33
C ALA D 230 23.77 -4.20 1.07
N VAL D 231 24.67 -4.66 0.24
CA VAL D 231 25.80 -3.79 -0.22
C VAL D 231 25.34 -2.44 -0.80
N PHE D 232 24.40 -2.45 -1.73
CA PHE D 232 23.81 -1.20 -2.18
C PHE D 232 23.36 -0.32 -1.04
N LEU D 233 22.48 -0.84 -0.18
CA LEU D 233 21.94 -0.07 0.97
C LEU D 233 22.97 0.53 1.92
N PHE D 234 24.06 -0.19 2.19
CA PHE D 234 25.12 0.36 3.08
C PHE D 234 26.04 1.29 2.32
N SER D 235 26.02 1.22 0.99
CA SER D 235 26.94 1.99 0.23
C SER D 235 26.44 3.40 0.04
N ASP D 236 27.34 4.24 -0.44
CA ASP D 236 27.01 5.61 -0.79
C ASP D 236 25.98 5.76 -1.92
N LEU D 237 25.81 4.69 -2.68
CA LEU D 237 24.89 4.68 -3.82
C LEU D 237 23.48 4.85 -3.32
N ALA D 238 23.30 4.48 -2.05
CA ALA D 238 21.97 4.47 -1.50
C ALA D 238 21.68 5.64 -0.60
N ARG D 239 22.48 6.70 -0.75
CA ARG D 239 22.40 7.86 0.13
C ARG D 239 20.95 8.31 0.28
N GLY D 240 20.31 8.62 -0.84
CA GLY D 240 19.01 9.32 -0.78
C GLY D 240 17.91 8.31 -0.44
N VAL D 241 18.27 7.10 0.03
CA VAL D 241 17.24 6.02 0.29
C VAL D 241 17.13 5.73 1.77
N THR D 242 16.01 6.06 2.37
CA THR D 242 15.76 5.70 3.78
C THR D 242 14.27 5.44 3.97
N GLY D 243 13.93 4.65 4.97
CA GLY D 243 12.53 4.33 5.21
C GLY D 243 11.95 3.40 4.19
N GLU D 244 12.83 2.71 3.47
CA GLU D 244 12.40 1.89 2.33
C GLU D 244 12.48 0.38 2.59
N ASN D 245 11.69 -0.40 1.82
CA ASN D 245 11.58 -1.83 1.99
C ASN D 245 11.79 -2.32 0.57
N ILE D 246 12.94 -2.88 0.29
CA ILE D 246 13.20 -3.39 -1.07
C ILE D 246 12.90 -4.89 -1.11
N HIS D 247 11.99 -5.32 -1.98
CA HIS D 247 11.76 -6.73 -2.07
C HIS D 247 12.76 -7.43 -2.92
N VAL D 248 13.54 -8.32 -2.30
CA VAL D 248 14.49 -9.16 -3.03
C VAL D 248 13.91 -10.56 -3.08
N ASP D 249 12.94 -10.74 -3.98
CA ASP D 249 12.14 -11.93 -3.95
C ASP D 249 11.77 -12.39 -5.32
N SER D 250 12.59 -12.00 -6.30
CA SER D 250 12.37 -12.38 -7.69
C SER D 250 11.06 -11.84 -8.20
N GLY D 251 10.60 -10.77 -7.59
CA GLY D 251 9.36 -10.16 -8.04
C GLY D 251 8.05 -10.78 -7.52
N TYR D 252 8.12 -11.76 -6.63
CA TYR D 252 6.87 -12.45 -6.21
C TYR D 252 5.81 -11.50 -5.63
N HIS D 253 6.28 -10.55 -4.80
CA HIS D 253 5.44 -9.59 -4.09
C HIS D 253 4.47 -8.85 -5.02
N ILE D 254 4.68 -8.86 -6.34
CA ILE D 254 3.76 -8.08 -7.16
C ILE D 254 2.53 -8.85 -7.55
N LEU D 255 2.51 -10.14 -7.29
CA LEU D 255 1.42 -10.93 -7.81
C LEU D 255 0.13 -10.86 -7.00
N GLY D 256 -1.04 -10.88 -7.70
CA GLY D 256 -2.37 -11.09 -7.10
C GLY D 256 -2.76 -12.59 -7.10
N LEU D 257 -3.90 -12.97 -7.68
CA LEU D 257 -4.38 -14.38 -7.79
C LEU D 257 -3.43 -15.52 -8.31
C20 IMJ E . -10.77 -10.24 -17.22
C21 IMJ E . -9.54 -10.68 -18.10
C22 IMJ E . -8.58 -11.42 -17.57
C23 IMJ E . -8.74 -11.86 -16.08
C24 IMJ E . -9.81 -11.45 -15.39
C25 IMJ E . -10.86 -10.64 -15.98
N26 IMJ E . -10.14 -11.72 -14.11
C27 IMJ E . -11.31 -11.18 -13.77
C28 IMJ E . -11.87 -10.43 -14.91
C29 IMJ E . -9.41 -12.56 -13.13
C30 IMJ E . -11.94 -11.32 -12.39
C31 IMJ E . -13.14 -9.62 -14.90
N32 IMJ E . -12.77 -8.19 -14.57
C33 IMJ E . -12.37 -7.83 -13.34
C34 IMJ E . -12.85 -7.21 -15.49
O35 IMJ E . -12.47 -6.09 -15.21
C36 IMJ E . -13.37 -7.49 -16.88
C37 IMJ E . -13.05 -6.58 -17.81
C38 IMJ E . -13.36 -6.64 -19.26
C39 IMJ E . -14.04 -7.87 -19.82
C40 IMJ E . -14.22 -7.87 -21.26
C41 IMJ E . -14.89 -8.98 -21.86
C42 IMJ E . -15.18 -8.96 -23.30
C43 IMJ E . -14.62 -7.75 -24.09
N44 IMJ E . -13.95 -6.72 -23.44
C45 IMJ E . -13.76 -6.71 -22.09
N46 IMJ E . -13.13 -5.69 -21.47
C47 IMJ E . -12.91 -5.64 -20.14
O48 IMJ E . -14.81 -7.77 -25.35
PA NDP F . -20.82 -6.20 -17.57
O1A NDP F . -22.11 -6.73 -17.11
O2A NDP F . -20.38 -6.53 -18.93
O5B NDP F . -20.80 -4.64 -17.33
C5B NDP F . -19.85 -3.80 -17.99
C4B NDP F . -20.62 -2.63 -18.65
O4B NDP F . -19.71 -1.66 -19.22
C3B NDP F . -21.59 -3.10 -19.76
O3B NDP F . -22.90 -2.65 -19.59
C2B NDP F . -21.01 -2.43 -20.97
O2B NDP F . -21.97 -2.10 -21.93
C1B NDP F . -20.36 -1.18 -20.37
N9A NDP F . -19.58 -0.44 -21.38
C8A NDP F . -18.52 -0.88 -22.11
N7A NDP F . -18.12 0.12 -22.93
C5A NDP F . -18.91 1.21 -22.75
C6A NDP F . -18.98 2.46 -23.32
N6A NDP F . -18.35 2.73 -24.46
N1A NDP F . -19.94 3.40 -22.86
C2A NDP F . -20.84 3.02 -21.89
N3A NDP F . -20.79 1.75 -21.38
C4A NDP F . -19.85 0.86 -21.78
O3 NDP F . -19.67 -6.73 -16.58
PN NDP F . -19.46 -6.38 -15.03
O1N NDP F . -20.71 -6.12 -14.39
O2N NDP F . -18.51 -7.34 -14.50
O5D NDP F . -18.59 -4.99 -15.04
C5D NDP F . -18.94 -3.83 -14.28
C4D NDP F . -17.72 -3.17 -13.64
O4D NDP F . -17.26 -4.05 -12.60
C3D NDP F . -16.55 -3.04 -14.60
O3D NDP F . -15.88 -1.88 -14.22
C2D NDP F . -15.65 -4.20 -14.25
O2D NDP F . -14.30 -3.97 -14.69
C1D NDP F . -15.86 -4.29 -12.75
N1N NDP F . -15.41 -5.52 -12.09
C2N NDP F . -15.80 -6.78 -12.51
C3N NDP F . -15.43 -7.95 -11.80
C7N NDP F . -15.86 -9.31 -12.32
O7N NDP F . -16.89 -9.38 -13.25
N7N NDP F . -15.30 -10.41 -11.94
C4N NDP F . -14.60 -7.90 -10.54
C5N NDP F . -14.26 -6.48 -10.20
C6N NDP F . -14.66 -5.38 -10.96
P2B NDP F . -22.15 -3.02 -23.29
O1X NDP F . -23.45 -2.44 -23.82
O2X NDP F . -20.95 -2.87 -24.15
O3X NDP F . -22.42 -4.47 -22.92
C20 IMJ G . 4.51 18.81 -11.78
C21 IMJ G . 3.08 19.34 -11.77
C22 IMJ G . 2.48 19.65 -10.63
C23 IMJ G . 3.22 19.43 -9.28
C24 IMJ G . 4.47 18.93 -9.31
C25 IMJ G . 5.04 18.63 -10.57
N26 IMJ G . 5.36 18.59 -8.34
C27 IMJ G . 6.50 18.09 -8.87
C28 IMJ G . 6.37 18.06 -10.34
C29 IMJ G . 5.11 18.77 -6.86
C30 IMJ G . 7.68 17.54 -8.06
C31 IMJ G . 7.35 17.58 -11.41
N32 IMJ G . 7.08 16.17 -11.79
C33 IMJ G . 7.14 15.26 -10.80
C34 IMJ G . 6.70 15.73 -13.01
O35 IMJ G . 6.33 14.57 -13.20
C36 IMJ G . 6.61 16.72 -14.12
C37 IMJ G . 5.71 16.50 -15.10
C38 IMJ G . 5.44 17.40 -16.27
C39 IMJ G . 5.93 18.83 -16.26
C40 IMJ G . 5.50 19.62 -17.42
C41 IMJ G . 5.89 20.98 -17.56
C42 IMJ G . 5.55 21.78 -18.76
C43 IMJ G . 4.69 21.01 -19.72
N44 IMJ G . 4.25 19.72 -19.50
C45 IMJ G . 4.67 18.98 -18.44
N46 IMJ G . 4.22 17.71 -18.27
C47 IMJ G . 4.57 16.95 -17.26
O48 IMJ G . 4.28 21.60 -20.74
PA NDP H . 13.01 16.93 -18.07
O1A NDP H . 14.43 17.44 -18.22
O2A NDP H . 11.90 17.76 -18.60
O5B NDP H . 12.98 15.47 -18.65
C5B NDP H . 11.74 14.90 -19.19
C4B NDP H . 11.99 14.41 -20.64
O4B NDP H . 10.78 13.87 -21.21
C3B NDP H . 12.49 15.55 -21.59
O3B NDP H . 13.64 15.23 -22.35
C2B NDP H . 11.33 15.62 -22.59
O2B NDP H . 11.60 16.25 -23.84
C1B NDP H . 10.89 14.14 -22.61
N9A NDP H . 9.67 14.04 -23.38
C8A NDP H . 8.51 14.74 -23.25
N7A NDP H . 7.62 14.35 -24.19
C5A NDP H . 8.27 13.45 -24.99
C6A NDP H . 7.90 12.69 -26.09
N6A NDP H . 6.91 13.03 -26.87
N1A NDP H . 8.79 11.84 -26.64
C2A NDP H . 10.06 11.63 -26.14
N3A NDP H . 10.39 12.34 -25.01
C4A NDP H . 9.54 13.25 -24.47
O3 NDP H . 12.49 16.66 -16.58
PN NDP H . 12.94 15.58 -15.53
O1N NDP H . 14.33 15.07 -15.64
O2N NDP H . 12.60 16.21 -14.25
O5D NDP H . 11.83 14.44 -15.76
C5D NDP H . 12.17 13.11 -16.11
C4D NDP H . 11.26 12.10 -15.42
O4D NDP H . 11.44 12.34 -14.03
C3D NDP H . 9.79 12.31 -15.79
O3D NDP H . 9.06 11.10 -16.05
C2D NDP H . 9.28 13.06 -14.56
O2D NDP H . 7.85 12.91 -14.43
C1D NDP H . 10.14 12.33 -13.50
N1N NDP H . 10.16 12.97 -12.20
C2N NDP H . 10.53 14.27 -12.02
C3N NDP H . 10.62 14.79 -10.73
C7N NDP H . 10.99 16.23 -10.52
O7N NDP H . 11.72 16.87 -11.49
N7N NDP H . 10.63 16.86 -9.43
C4N NDP H . 10.27 13.99 -9.46
C5N NDP H . 9.91 12.60 -9.86
C6N NDP H . 9.88 12.16 -11.16
P2B NDP H . 11.01 17.78 -24.18
O1X NDP H . 11.28 18.02 -25.63
O2X NDP H . 9.55 17.90 -23.80
O3X NDP H . 11.80 18.76 -23.30
C20 IMJ I . -1.39 10.67 20.06
C21 IMJ I . 0.13 11.05 20.18
C22 IMJ I . 0.72 11.72 19.24
C23 IMJ I . -0.11 12.19 18.08
C24 IMJ I . -1.39 11.88 17.95
C25 IMJ I . -2.05 11.11 18.97
N26 IMJ I . -2.26 12.23 16.96
C27 IMJ I . -3.49 11.70 17.22
C28 IMJ I . -3.41 10.95 18.52
C29 IMJ I . -1.88 13.03 15.77
C30 IMJ I . -4.71 11.83 16.32
C31 IMJ I . -4.46 10.16 19.26
N32 IMJ I . -4.53 8.77 18.81
C33 IMJ I . -4.88 8.55 17.54
C34 IMJ I . -4.26 7.65 19.59
O35 IMJ I . -4.29 6.49 19.10
C36 IMJ I . -3.92 7.83 21.06
C37 IMJ I . -3.37 6.84 21.80
C38 IMJ I . -2.96 6.96 23.24
C39 IMJ I . -3.28 8.21 23.97
C40 IMJ I . -2.81 8.21 25.35
C41 IMJ I . -3.09 9.32 26.15
C42 IMJ I . -2.67 9.43 27.53
C43 IMJ I . -1.89 8.21 27.99
N44 IMJ I . -1.64 7.18 27.19
C45 IMJ I . -2.06 7.08 25.92
N46 IMJ I . -1.79 6.01 25.14
C47 IMJ I . -2.22 5.94 23.87
O48 IMJ I . -1.48 8.21 29.17
PA NDP J . -10.56 7.13 24.83
O1A NDP J . -11.88 7.68 25.01
O2A NDP J . -9.50 7.50 25.79
O5B NDP J . -10.74 5.56 24.69
C5B NDP J . -9.64 4.70 24.89
C4B NDP J . -10.07 3.55 25.75
O4B NDP J . -9.02 2.54 25.86
C3B NDP J . -10.35 4.11 27.15
O3B NDP J . -11.65 3.77 27.53
C2B NDP J . -9.28 3.39 27.95
O2B NDP J . -9.65 3.17 29.28
C1B NDP J . -9.15 2.09 27.19
N9A NDP J . -8.05 1.31 27.76
C8A NDP J . -6.75 1.75 28.00
N7A NDP J . -6.11 0.72 28.59
C5A NDP J . -6.99 -0.31 28.79
C6A NDP J . -6.81 -1.56 29.35
N6A NDP J . -5.77 -1.83 30.16
N1A NDP J . -7.87 -2.41 29.33
C2A NDP J . -9.13 -2.05 28.82
N3A NDP J . -9.28 -0.80 28.28
C4A NDP J . -8.21 0.04 28.26
O3 NDP J . -9.92 7.62 23.43
PN NDP J . -10.53 7.34 22.01
O1N NDP J . -12.00 7.08 21.96
O2N NDP J . -9.92 8.47 21.23
O5D NDP J . -9.77 5.96 21.61
C5D NDP J . -10.49 4.85 21.12
C4D NDP J . -9.63 4.16 20.03
O4D NDP J . -9.65 5.06 18.94
C3D NDP J . -8.16 3.87 20.40
O3D NDP J . -7.75 2.63 19.81
C2D NDP J . -7.43 5.00 19.69
O2D NDP J . -6.11 4.68 19.34
C1D NDP J . -8.33 5.15 18.46
N1N NDP J . -8.25 6.37 17.70
C2N NDP J . -8.32 7.62 18.28
C3N NDP J . -8.25 8.76 17.45
C7N NDP J . -8.30 10.11 18.06
O7N NDP J . -9.01 10.15 19.22
N7N NDP J . -7.68 11.16 17.54
C4N NDP J . -8.06 8.70 15.93
C5N NDP J . -8.02 7.29 15.46
C6N NDP J . -8.14 6.20 16.32
P2B NDP J . -8.99 4.01 30.50
O1X NDP J . -9.73 3.49 31.71
O2X NDP J . -7.51 3.85 30.65
O3X NDP J . -9.26 5.48 30.24
C20 IMJ K . 8.01 -19.27 9.03
C21 IMJ K . 6.77 -19.76 9.73
C22 IMJ K . 5.73 -20.07 8.87
C23 IMJ K . 5.92 -19.79 7.40
C24 IMJ K . 7.04 -19.33 6.84
C25 IMJ K . 8.17 -19.04 7.74
N26 IMJ K . 7.37 -19.01 5.54
C27 IMJ K . 8.66 -18.54 5.48
C28 IMJ K . 9.27 -18.58 6.86
C29 IMJ K . 6.36 -19.17 4.43
C30 IMJ K . 9.42 -18.10 4.27
C31 IMJ K . 10.66 -18.20 7.35
N32 IMJ K . 10.68 -16.76 7.74
C33 IMJ K . 10.51 -15.86 6.77
C34 IMJ K . 10.77 -16.30 9.00
O35 IMJ K . 10.68 -15.09 9.28
C36 IMJ K . 10.97 -17.32 10.09
C37 IMJ K . 10.96 -16.94 11.38
C38 IMJ K . 11.13 -17.89 12.51
C39 IMJ K . 11.49 -19.33 12.26
C40 IMJ K . 11.62 -20.14 13.45
C41 IMJ K . 11.97 -21.50 13.37
C42 IMJ K . 12.10 -22.32 14.55
C43 IMJ K . 11.81 -21.56 15.85
N44 IMJ K . 11.46 -20.26 15.88
C45 IMJ K . 11.35 -19.53 14.78
N46 IMJ K . 11.02 -18.23 14.87
C47 IMJ K . 10.90 -17.45 13.80
O48 IMJ K . 11.89 -22.16 16.95
PA NDP L . 18.63 -17.98 10.80
O1A NDP L . 19.89 -18.48 10.21
O2A NDP L . 17.92 -18.90 11.72
O5B NDP L . 18.87 -16.56 11.45
C5B NDP L . 18.08 -16.08 12.51
C4B NDP L . 19.05 -15.49 13.50
O4B NDP L . 18.32 -14.81 14.53
C3B NDP L . 19.85 -16.63 14.14
O3B NDP L . 21.23 -16.29 14.17
C2B NDP L . 19.27 -16.56 15.54
O2B NDP L . 20.16 -16.93 16.54
C1B NDP L . 19.00 -15.06 15.74
N9A NDP L . 18.34 -14.83 17.04
C8A NDP L . 17.22 -15.49 17.50
N7A NDP L . 16.97 -14.98 18.75
C5A NDP L . 17.92 -14.10 19.11
C6A NDP L . 18.15 -13.36 20.28
N6A NDP L . 17.45 -13.60 21.38
N1A NDP L . 19.24 -12.49 20.39
C2A NDP L . 20.08 -12.39 19.30
N3A NDP L . 19.85 -13.16 18.18
C4A NDP L . 18.78 -13.98 18.05
O3 NDP L . 17.52 -17.74 9.62
PN NDP L . 17.46 -16.61 8.50
O1N NDP L . 18.86 -16.26 8.05
O2N NDP L . 16.43 -17.10 7.59
O5D NDP L . 16.82 -15.38 9.34
C5D NDP L . 17.33 -14.05 9.34
C4D NDP L . 16.22 -13.03 9.11
O4D NDP L . 15.72 -13.15 7.77
C3D NDP L . 15.02 -13.20 10.04
O3D NDP L . 14.65 -11.91 10.42
C2D NDP L . 13.99 -13.79 9.12
O2D NDP L . 12.62 -13.63 9.40
C1D NDP L . 14.32 -13.06 7.83
N1N NDP L . 13.68 -13.70 6.72
C2N NDP L . 13.84 -15.04 6.43
C3N NDP L . 13.31 -15.65 5.28
C7N NDP L . 13.55 -17.08 5.00
O7N NDP L . 14.61 -17.78 5.64
N7N NDP L . 12.82 -17.71 4.10
C4N NDP L . 12.56 -14.82 4.26
C5N NDP L . 12.45 -13.39 4.69
C6N NDP L . 12.99 -12.87 5.89
P2B NDP L . 19.97 -18.42 17.13
O1X NDP L . 20.90 -18.35 18.29
O2X NDP L . 18.49 -18.74 17.50
O3X NDP L . 20.44 -19.45 16.11
#